data_6ZAD
#
_entry.id   6ZAD
#
_cell.length_a   141.430
_cell.length_b   64.480
_cell.length_c   116.660
_cell.angle_alpha   90.000
_cell.angle_beta   103.030
_cell.angle_gamma   90.000
#
_symmetry.space_group_name_H-M   'C 1 2 1'
#
loop_
_entity.id
_entity.type
_entity.pdbx_description
1 polymer 'Phosphatidylinositol 4,5-bisphosphate 3-kinase catalytic subunit delta isoform'
2 non-polymer methoxymethyloxathiatetraazatetracyclodocosahexaenedione
3 water water
#
_entity_poly.entity_id   1
_entity_poly.type   'polypeptide(L)'
_entity_poly.pdbx_seq_one_letter_code
;GGDRVKKLINSQISLLIGKGLHEFDSLRDPEVNDFRTKMRQFCEEAAAHRQQLGWVEWLQYSFPLQLEPSARGWRAGLLR
VSNRALLVNVKFEGSEESFTFQVSTKDMPLALMACALRKKATVFRQPLVEQPEEYALQVNGRHEYLYGNYPLCHFQYICS
CLHSGLTPHLTMVHSSSILAMRDEQSNPAPQVQKPRAKPPPIPAKKPSSVSLWSLEQPFSIELIEGRKVNADERMKLVVQ
AGLFHGNEMLCKTVSSSEVNVCSEPVWKQRLEFDISVCDLPRMARLCFALYAVVEKAKKARSTKKKSKKADCPIAWANLM
LFDYKDQLKTGERCLYMWPSVPDEKGELLNPAGTVRGNPNTESAAALVIYLPEVAPHPVYFPALEKILELGRHGERGRIT
EEEQLQLREILERRGSGELYEHEKDLVWKMRHEVQEHFPEALARLLLVTKWNKHEDVAQMLYLLCSWPELPVLSALELLD
FSFPDCYVGSFAIKSLRKLTDDELFQYLLQLVQVLKYESYLDCELTKFLLGRALANRKIGHFLFWHLRSEMHVPSVALRF
GLIMEAYCRGSTHHMKVLMKQGEALSKLKALNDFVKVSSQKTTKPQTKEMMHMCMRQETYMEALSHLQSPLDPSTLLEEV
CVEQCTFMDSKMKPLWIMYSSEEAGSAGNVGIIFKNGDDLRQDMLTLQMIQLMDVLWKQEGLDLRMTPYGCLPTGDRTGL
IEVVLHSDTIANIQLNKSNMAATAAFNKDALLNWLKSKNPGEALDRAIEEFTLSCAGYCVATYVLGIGDRHSDNIMIRES
GQLFHIDFGHFLGNFKTKFGINRERVPFILTYDFVHVIQQGKTNNSEKFERFRGYCERAYTILRRHGLLFLHLFALMRAA
GLPELSCSKDIQYLKDSLALGKTEEEALKHFRVKFNEALRESWKTKVNWLAHNVSKDNRQ
;
_entity_poly.pdbx_strand_id   A
#
# COMPACT_ATOMS: atom_id res chain seq x y z
N ASP A 3 5.32 -8.57 -36.03
CA ASP A 3 6.31 -7.52 -36.24
C ASP A 3 5.64 -6.19 -36.60
N ARG A 4 6.33 -5.06 -36.30
CA ARG A 4 5.92 -3.64 -36.50
C ARG A 4 5.07 -3.15 -35.34
N VAL A 5 3.95 -3.85 -35.06
CA VAL A 5 3.06 -3.47 -33.97
C VAL A 5 3.69 -3.98 -32.67
N LYS A 6 4.23 -5.23 -32.71
CA LYS A 6 4.97 -5.90 -31.63
C LYS A 6 6.19 -5.05 -31.26
N LYS A 7 6.94 -4.55 -32.27
CA LYS A 7 8.13 -3.72 -32.10
C LYS A 7 7.75 -2.38 -31.46
N LEU A 8 6.59 -1.80 -31.85
CA LEU A 8 6.08 -0.57 -31.27
C LEU A 8 5.68 -0.76 -29.81
N ILE A 9 4.92 -1.84 -29.50
CA ILE A 9 4.47 -2.17 -28.14
C ILE A 9 5.70 -2.31 -27.22
N ASN A 10 6.75 -3.02 -27.68
CA ASN A 10 8.02 -3.22 -26.99
C ASN A 10 8.71 -1.90 -26.66
N SER A 11 8.71 -0.95 -27.62
CA SER A 11 9.31 0.36 -27.39
C SER A 11 8.44 1.21 -26.44
N GLN A 12 7.12 1.03 -26.49
CA GLN A 12 6.20 1.73 -25.57
C GLN A 12 6.27 1.17 -24.12
N ILE A 13 6.45 -0.16 -23.96
CA ILE A 13 6.63 -0.79 -22.63
C ILE A 13 7.96 -0.29 -22.05
N SER A 14 9.01 -0.26 -22.87
CA SER A 14 10.32 0.24 -22.45
C SER A 14 10.26 1.67 -21.89
N LEU A 15 9.65 2.59 -22.63
CA LEU A 15 9.46 3.98 -22.23
C LEU A 15 8.58 4.11 -20.98
N LEU A 16 7.52 3.30 -20.89
CA LEU A 16 6.62 3.32 -19.76
C LEU A 16 7.27 2.84 -18.45
N ILE A 17 7.92 1.68 -18.48
CA ILE A 17 8.51 1.08 -17.29
C ILE A 17 9.85 1.74 -16.94
N GLY A 18 10.37 2.57 -17.83
CA GLY A 18 11.62 3.28 -17.63
C GLY A 18 12.86 2.43 -17.68
N LYS A 19 12.79 1.30 -18.43
CA LYS A 19 13.89 0.34 -18.58
C LYS A 19 13.66 -0.39 -19.90
N GLY A 20 14.63 -0.27 -20.81
CA GLY A 20 14.61 -0.92 -22.12
C GLY A 20 14.49 -2.42 -22.00
N LEU A 21 13.55 -3.04 -22.75
CA LEU A 21 13.33 -4.50 -22.69
C LEU A 21 14.55 -5.32 -23.08
N HIS A 22 15.44 -4.73 -23.90
CA HIS A 22 16.70 -5.31 -24.39
C HIS A 22 17.64 -5.65 -23.23
N GLU A 23 17.52 -4.90 -22.12
CA GLU A 23 18.28 -5.07 -20.87
C GLU A 23 17.89 -6.37 -20.16
N PHE A 24 16.64 -6.88 -20.37
CA PHE A 24 16.27 -8.17 -19.79
C PHE A 24 16.99 -9.27 -20.58
N ASP A 25 16.96 -9.20 -21.94
CA ASP A 25 17.62 -10.15 -22.83
C ASP A 25 19.15 -10.22 -22.68
N SER A 26 19.81 -9.07 -22.35
CA SER A 26 21.28 -8.99 -22.18
C SER A 26 21.82 -9.77 -20.98
N LEU A 27 20.96 -9.96 -19.95
CA LEU A 27 21.29 -10.68 -18.73
C LEU A 27 21.56 -12.14 -18.97
N ARG A 28 20.97 -12.70 -20.08
CA ARG A 28 21.01 -14.10 -20.52
C ARG A 28 20.67 -15.01 -19.34
N ASP A 29 19.67 -14.60 -18.53
CA ASP A 29 19.26 -15.31 -17.33
C ASP A 29 18.03 -16.20 -17.57
N PRO A 30 18.20 -17.57 -17.45
CA PRO A 30 17.05 -18.49 -17.68
C PRO A 30 15.85 -18.25 -16.80
N GLU A 31 16.05 -17.83 -15.52
CA GLU A 31 14.96 -17.50 -14.61
C GLU A 31 14.17 -16.30 -15.14
N VAL A 32 14.88 -15.28 -15.63
CA VAL A 32 14.28 -14.07 -16.21
C VAL A 32 13.48 -14.47 -17.48
N ASN A 33 14.09 -15.29 -18.36
CA ASN A 33 13.50 -15.77 -19.62
C ASN A 33 12.25 -16.65 -19.40
N ASP A 34 12.29 -17.55 -18.41
CA ASP A 34 11.16 -18.41 -18.07
C ASP A 34 10.02 -17.57 -17.52
N PHE A 35 10.33 -16.53 -16.70
CA PHE A 35 9.32 -15.64 -16.14
C PHE A 35 8.61 -14.87 -17.25
N ARG A 36 9.39 -14.27 -18.14
CA ARG A 36 8.85 -13.46 -19.23
C ARG A 36 7.89 -14.26 -20.09
N THR A 37 8.27 -15.49 -20.51
CA THR A 37 7.46 -16.36 -21.36
C THR A 37 6.18 -16.82 -20.66
N LYS A 38 6.29 -17.35 -19.44
CA LYS A 38 5.15 -17.84 -18.64
C LYS A 38 4.18 -16.69 -18.27
N MET A 39 4.70 -15.53 -17.80
CA MET A 39 3.81 -14.42 -17.41
C MET A 39 3.16 -13.74 -18.59
N ARG A 40 3.86 -13.65 -19.77
CA ARG A 40 3.28 -13.13 -21.00
C ARG A 40 2.06 -14.01 -21.36
N GLN A 41 2.26 -15.35 -21.36
CA GLN A 41 1.24 -16.35 -21.64
C GLN A 41 0.05 -16.19 -20.70
N PHE A 42 0.32 -16.07 -19.38
CA PHE A 42 -0.72 -15.92 -18.37
C PHE A 42 -1.51 -14.62 -18.53
N CYS A 43 -0.83 -13.50 -18.90
CA CYS A 43 -1.47 -12.19 -19.03
C CYS A 43 -2.27 -12.05 -20.33
N GLU A 44 -1.79 -12.68 -21.41
CA GLU A 44 -2.53 -12.72 -22.70
C GLU A 44 -3.80 -13.55 -22.62
N GLU A 45 -3.82 -14.64 -21.82
CA GLU A 45 -5.02 -15.47 -21.56
C GLU A 45 -6.07 -14.60 -20.84
N ALA A 46 -5.61 -13.78 -19.87
CA ALA A 46 -6.46 -12.85 -19.10
C ALA A 46 -7.01 -11.77 -20.04
N ALA A 47 -6.18 -11.23 -20.94
CA ALA A 47 -6.60 -10.27 -21.96
C ALA A 47 -7.73 -10.87 -22.82
N ALA A 48 -7.55 -12.12 -23.33
CA ALA A 48 -8.57 -12.80 -24.15
C ALA A 48 -9.87 -13.07 -23.37
N HIS A 49 -9.77 -13.39 -22.07
CA HIS A 49 -10.94 -13.62 -21.22
C HIS A 49 -11.79 -12.32 -21.17
N ARG A 50 -11.11 -11.19 -20.95
CA ARG A 50 -11.65 -9.86 -20.80
C ARG A 50 -12.31 -9.28 -22.06
N GLN A 51 -11.72 -9.55 -23.24
CA GLN A 51 -12.24 -8.99 -24.49
C GLN A 51 -13.58 -9.58 -24.89
N GLN A 52 -13.96 -10.70 -24.26
CA GLN A 52 -15.21 -11.38 -24.47
C GLN A 52 -16.17 -11.28 -23.26
N LEU A 53 -15.86 -10.43 -22.25
CA LEU A 53 -16.74 -10.24 -21.09
C LEU A 53 -18.09 -9.71 -21.54
N GLY A 54 -19.13 -10.02 -20.77
CA GLY A 54 -20.44 -9.46 -21.00
C GLY A 54 -20.33 -7.97 -20.73
N TRP A 55 -21.26 -7.13 -21.25
CA TRP A 55 -21.17 -5.68 -21.01
C TRP A 55 -21.23 -5.27 -19.51
N VAL A 56 -21.98 -6.01 -18.65
CA VAL A 56 -22.03 -5.61 -17.23
C VAL A 56 -20.70 -6.01 -16.54
N GLU A 57 -20.17 -7.17 -16.91
CA GLU A 57 -18.90 -7.73 -16.45
C GLU A 57 -17.79 -6.84 -16.87
N TRP A 58 -17.90 -6.25 -18.06
CA TRP A 58 -16.86 -5.34 -18.49
C TRP A 58 -16.93 -3.98 -17.73
N LEU A 59 -18.14 -3.59 -17.22
CA LEU A 59 -18.32 -2.42 -16.35
C LEU A 59 -17.64 -2.71 -15.03
N GLN A 60 -17.73 -3.98 -14.54
CA GLN A 60 -17.13 -4.41 -13.28
C GLN A 60 -15.61 -4.40 -13.38
N TYR A 61 -15.06 -4.71 -14.56
CA TYR A 61 -13.63 -4.67 -14.83
C TYR A 61 -13.12 -3.22 -14.85
N SER A 62 -13.75 -2.38 -15.67
CA SER A 62 -13.29 -1.04 -15.96
C SER A 62 -13.74 0.04 -14.97
N PHE A 63 -14.91 -0.11 -14.38
CA PHE A 63 -15.46 0.85 -13.47
C PHE A 63 -15.98 0.08 -12.28
N PRO A 64 -15.07 -0.53 -11.48
CA PRO A 64 -15.58 -1.26 -10.31
C PRO A 64 -16.38 -0.34 -9.39
N LEU A 65 -17.47 -0.87 -8.86
CA LEU A 65 -18.34 -0.12 -7.99
C LEU A 65 -17.66 0.49 -6.77
N GLN A 66 -17.98 1.79 -6.47
CA GLN A 66 -17.47 2.56 -5.33
C GLN A 66 -18.59 2.71 -4.33
N LEU A 67 -18.70 1.73 -3.44
CA LEU A 67 -19.75 1.65 -2.43
C LEU A 67 -19.30 2.10 -1.05
N GLU A 68 -20.27 2.52 -0.22
CA GLU A 68 -20.04 2.92 1.15
C GLU A 68 -19.62 1.69 2.02
N PRO A 69 -18.61 1.82 2.93
CA PRO A 69 -18.18 0.66 3.74
C PRO A 69 -19.28 -0.12 4.46
N SER A 70 -20.36 0.57 4.90
CA SER A 70 -21.53 -0.03 5.56
C SER A 70 -22.35 -0.93 4.61
N ALA A 71 -22.31 -0.63 3.29
CA ALA A 71 -23.03 -1.35 2.24
C ALA A 71 -22.31 -2.61 1.75
N ARG A 72 -20.98 -2.69 1.97
CA ARG A 72 -20.15 -3.83 1.50
C ARG A 72 -20.40 -5.13 2.25
N GLY A 73 -20.49 -6.22 1.50
CA GLY A 73 -20.73 -7.55 2.03
C GLY A 73 -22.20 -7.92 2.06
N ASN A 83 -37.04 6.53 2.62
CA ASN A 83 -36.42 7.10 3.81
C ASN A 83 -36.20 8.61 3.66
N ARG A 84 -35.26 9.03 2.78
CA ARG A 84 -34.94 10.44 2.55
C ARG A 84 -35.10 10.79 1.06
N ALA A 85 -35.60 12.01 0.78
CA ALA A 85 -35.80 12.53 -0.57
C ALA A 85 -34.48 12.93 -1.23
N LEU A 86 -34.37 12.71 -2.54
CA LEU A 86 -33.17 13.01 -3.30
C LEU A 86 -33.49 13.52 -4.71
N LEU A 87 -32.89 14.64 -5.07
CA LEU A 87 -33.02 15.22 -6.40
C LEU A 87 -31.85 14.74 -7.27
N VAL A 88 -32.13 14.22 -8.48
CA VAL A 88 -31.10 13.71 -9.39
C VAL A 88 -31.27 14.36 -10.79
N ASN A 89 -30.17 14.61 -11.51
CA ASN A 89 -30.19 15.14 -12.86
C ASN A 89 -29.65 14.05 -13.77
N VAL A 90 -30.45 13.65 -14.77
CA VAL A 90 -30.12 12.56 -15.69
C VAL A 90 -30.25 13.03 -17.12
N LYS A 91 -29.21 12.79 -17.92
CA LYS A 91 -29.26 13.05 -19.34
C LYS A 91 -28.91 11.76 -20.07
N PHE A 92 -29.17 11.70 -21.37
CA PHE A 92 -28.83 10.56 -22.19
C PHE A 92 -27.56 10.92 -22.93
N GLU A 93 -26.64 9.95 -23.11
CA GLU A 93 -25.34 10.15 -23.76
C GLU A 93 -25.37 11.03 -25.03
N GLY A 94 -24.54 12.07 -25.03
CA GLY A 94 -24.41 13.01 -26.14
C GLY A 94 -25.64 13.84 -26.42
N SER A 95 -26.36 14.23 -25.35
CA SER A 95 -27.54 15.08 -25.42
C SER A 95 -27.33 16.28 -24.52
N GLU A 96 -27.77 17.45 -24.96
CA GLU A 96 -27.67 18.67 -24.16
C GLU A 96 -28.83 18.66 -23.17
N GLU A 97 -29.97 18.10 -23.59
CA GLU A 97 -31.18 17.98 -22.79
C GLU A 97 -31.02 17.01 -21.61
N SER A 98 -31.43 17.48 -20.43
CA SER A 98 -31.39 16.72 -19.20
C SER A 98 -32.73 16.79 -18.47
N PHE A 99 -32.97 15.85 -17.56
CA PHE A 99 -34.20 15.78 -16.75
C PHE A 99 -33.82 15.75 -15.27
N THR A 100 -34.51 16.56 -14.45
CA THR A 100 -34.31 16.61 -13.00
C THR A 100 -35.53 15.97 -12.31
N PHE A 101 -35.32 14.95 -11.49
CA PHE A 101 -36.46 14.30 -10.82
C PHE A 101 -36.16 13.84 -9.39
N GLN A 102 -37.24 13.68 -8.62
CA GLN A 102 -37.19 13.31 -7.23
C GLN A 102 -37.29 11.83 -7.07
N VAL A 103 -36.30 11.26 -6.41
CA VAL A 103 -36.22 9.84 -6.08
C VAL A 103 -35.93 9.75 -4.57
N SER A 104 -35.90 8.55 -4.05
CA SER A 104 -35.56 8.30 -2.66
C SER A 104 -34.19 7.63 -2.64
N THR A 105 -33.44 7.90 -1.57
CA THR A 105 -32.15 7.32 -1.25
C THR A 105 -32.23 5.78 -1.21
N LYS A 106 -33.41 5.24 -0.91
CA LYS A 106 -33.65 3.79 -0.88
C LYS A 106 -33.89 3.17 -2.27
N ASP A 107 -34.11 4.02 -3.32
CA ASP A 107 -34.34 3.53 -4.69
C ASP A 107 -33.06 3.01 -5.31
N MET A 108 -33.18 2.04 -6.20
CA MET A 108 -32.07 1.38 -6.88
C MET A 108 -31.87 1.99 -8.29
N PRO A 109 -30.64 1.92 -8.88
CA PRO A 109 -30.42 2.52 -10.21
C PRO A 109 -31.48 2.20 -11.26
N LEU A 110 -31.98 0.95 -11.31
CA LEU A 110 -33.00 0.50 -12.26
C LEU A 110 -34.27 1.37 -12.22
N ALA A 111 -34.73 1.73 -11.02
CA ALA A 111 -35.93 2.57 -10.82
C ALA A 111 -35.66 3.96 -11.39
N LEU A 112 -34.43 4.45 -11.25
CA LEU A 112 -34.01 5.75 -11.74
C LEU A 112 -33.95 5.71 -13.27
N MET A 113 -33.46 4.59 -13.82
CA MET A 113 -33.32 4.42 -15.26
C MET A 113 -34.66 4.28 -15.94
N ALA A 114 -35.56 3.44 -15.38
CA ALA A 114 -36.92 3.24 -15.87
C ALA A 114 -37.67 4.57 -15.91
N CYS A 115 -37.42 5.45 -14.92
CA CYS A 115 -38.01 6.77 -14.81
C CYS A 115 -37.48 7.74 -15.89
N ALA A 116 -36.17 7.73 -16.14
CA ALA A 116 -35.53 8.53 -17.19
C ALA A 116 -36.03 8.06 -18.58
N LEU A 117 -36.24 6.74 -18.74
CA LEU A 117 -36.73 6.19 -20.00
C LEU A 117 -38.19 6.56 -20.28
N ARG A 118 -39.01 6.69 -19.21
CA ARG A 118 -40.40 7.11 -19.32
C ARG A 118 -40.40 8.60 -19.68
N LYS A 119 -39.53 9.41 -19.03
CA LYS A 119 -39.42 10.84 -19.34
C LYS A 119 -39.00 11.09 -20.80
N LYS A 120 -38.00 10.33 -21.32
CA LYS A 120 -37.51 10.43 -22.71
C LYS A 120 -38.60 10.01 -23.70
N ALA A 121 -39.29 8.90 -23.42
CA ALA A 121 -40.37 8.38 -24.25
C ALA A 121 -41.48 9.42 -24.44
N THR A 122 -41.82 10.21 -23.39
CA THR A 122 -42.85 11.25 -23.48
C THR A 122 -42.33 12.53 -24.16
N VAL A 123 -41.05 12.84 -24.04
CA VAL A 123 -40.44 14.03 -24.66
C VAL A 123 -40.28 13.82 -26.18
N PHE A 124 -39.79 12.62 -26.58
CA PHE A 124 -39.54 12.23 -27.96
C PHE A 124 -40.76 11.62 -28.66
N ARG A 125 -41.91 11.58 -27.94
CA ARG A 125 -43.24 11.16 -28.40
C ARG A 125 -43.33 9.70 -28.88
N GLN A 126 -42.43 8.81 -28.44
CA GLN A 126 -42.48 7.41 -28.87
C GLN A 126 -42.20 6.39 -27.75
N PRO A 127 -42.96 5.26 -27.66
CA PRO A 127 -42.62 4.22 -26.66
C PRO A 127 -41.34 3.54 -27.12
N LEU A 128 -40.25 3.72 -26.38
CA LEU A 128 -38.91 3.24 -26.72
C LEU A 128 -38.74 1.71 -26.73
N VAL A 129 -37.80 1.20 -27.56
CA VAL A 129 -37.50 -0.23 -27.68
C VAL A 129 -36.75 -0.68 -26.42
N GLU A 130 -35.90 0.22 -25.90
CA GLU A 130 -35.01 0.07 -24.77
C GLU A 130 -35.73 -0.09 -23.42
N GLN A 131 -35.22 -1.06 -22.65
CA GLN A 131 -35.63 -1.45 -21.29
C GLN A 131 -34.56 -0.88 -20.32
N PRO A 132 -34.88 -0.61 -19.02
CA PRO A 132 -33.84 -0.08 -18.11
C PRO A 132 -32.66 -1.02 -17.90
N GLU A 133 -32.84 -2.34 -18.12
CA GLU A 133 -31.81 -3.38 -18.01
C GLU A 133 -30.65 -3.18 -19.02
N GLU A 134 -30.92 -2.45 -20.13
CA GLU A 134 -29.98 -2.16 -21.23
C GLU A 134 -29.01 -1.01 -20.92
N TYR A 135 -29.19 -0.30 -19.79
CA TYR A 135 -28.36 0.85 -19.45
C TYR A 135 -27.59 0.75 -18.15
N ALA A 136 -26.62 1.66 -18.00
CA ALA A 136 -25.83 1.94 -16.80
C ALA A 136 -25.75 3.47 -16.66
N LEU A 137 -25.59 3.94 -15.43
CA LEU A 137 -25.48 5.36 -15.16
C LEU A 137 -24.07 5.79 -14.94
N GLN A 138 -23.54 6.64 -15.81
CA GLN A 138 -22.21 7.20 -15.59
C GLN A 138 -22.34 8.52 -14.79
N VAL A 139 -21.44 8.73 -13.80
CA VAL A 139 -21.33 9.99 -13.08
C VAL A 139 -20.71 10.94 -14.14
N ASN A 140 -21.37 12.10 -14.46
CA ASN A 140 -20.91 13.03 -15.51
C ASN A 140 -19.43 13.45 -15.41
N GLY A 141 -18.73 13.30 -16.52
CA GLY A 141 -17.32 13.64 -16.68
C GLY A 141 -16.37 12.80 -15.84
N ARG A 142 -16.83 11.66 -15.31
CA ARG A 142 -16.02 10.79 -14.45
C ARG A 142 -15.97 9.37 -14.96
N HIS A 143 -14.89 8.63 -14.67
CA HIS A 143 -14.83 7.21 -15.03
C HIS A 143 -15.40 6.40 -13.87
N GLU A 144 -16.69 6.63 -13.60
CA GLU A 144 -17.44 6.05 -12.51
C GLU A 144 -18.89 5.76 -12.96
N TYR A 145 -19.44 4.60 -12.55
CA TYR A 145 -20.78 4.17 -12.92
C TYR A 145 -21.54 3.68 -11.72
N LEU A 146 -22.87 3.83 -11.78
CA LEU A 146 -23.81 3.38 -10.78
C LEU A 146 -24.62 2.29 -11.46
N TYR A 147 -24.51 1.07 -10.92
CA TYR A 147 -25.20 -0.11 -11.45
C TYR A 147 -25.36 -1.13 -10.33
N GLY A 148 -26.17 -2.16 -10.58
CA GLY A 148 -26.40 -3.21 -9.61
C GLY A 148 -27.55 -2.93 -8.67
N ASN A 149 -27.95 -3.96 -7.92
CA ASN A 149 -29.05 -3.91 -6.98
C ASN A 149 -28.60 -3.39 -5.61
N TYR A 150 -28.22 -2.12 -5.60
CA TYR A 150 -27.80 -1.38 -4.42
C TYR A 150 -28.65 -0.11 -4.36
N PRO A 151 -29.22 0.27 -3.19
CA PRO A 151 -29.96 1.53 -3.13
C PRO A 151 -28.97 2.65 -3.39
N LEU A 152 -29.46 3.81 -3.88
CA LEU A 152 -28.60 4.93 -4.24
C LEU A 152 -27.72 5.45 -3.09
N CYS A 153 -28.19 5.38 -1.83
CA CYS A 153 -27.42 5.84 -0.67
C CYS A 153 -26.17 5.00 -0.40
N HIS A 154 -26.14 3.75 -0.91
CA HIS A 154 -25.01 2.83 -0.74
C HIS A 154 -23.84 3.12 -1.70
N PHE A 155 -24.02 4.02 -2.67
CA PHE A 155 -22.94 4.46 -3.59
C PHE A 155 -22.24 5.66 -2.99
N GLN A 156 -20.89 5.68 -3.07
CA GLN A 156 -20.03 6.75 -2.54
C GLN A 156 -20.31 8.12 -3.16
N TYR A 157 -20.61 8.13 -4.47
CA TYR A 157 -20.90 9.38 -5.18
C TYR A 157 -22.18 10.01 -4.66
N ILE A 158 -23.27 9.24 -4.54
CA ILE A 158 -24.56 9.73 -4.06
C ILE A 158 -24.39 10.25 -2.65
N CYS A 159 -23.74 9.43 -1.79
CA CYS A 159 -23.41 9.73 -0.40
C CYS A 159 -22.70 11.06 -0.23
N SER A 160 -21.70 11.35 -1.09
CA SER A 160 -20.94 12.61 -1.10
C SER A 160 -21.87 13.79 -1.44
N CYS A 161 -22.75 13.59 -2.44
CA CYS A 161 -23.70 14.59 -2.90
C CYS A 161 -24.66 14.93 -1.77
N LEU A 162 -25.11 13.92 -0.99
CA LEU A 162 -26.01 14.11 0.15
C LEU A 162 -25.38 14.99 1.26
N HIS A 163 -24.19 14.60 1.74
CA HIS A 163 -23.45 15.32 2.76
C HIS A 163 -23.13 16.77 2.38
N SER A 164 -22.74 17.01 1.12
CA SER A 164 -22.40 18.34 0.60
C SER A 164 -23.60 19.10 -0.03
N GLY A 165 -24.80 18.52 0.06
CA GLY A 165 -26.03 19.09 -0.46
C GLY A 165 -26.14 19.27 -1.98
N LEU A 166 -25.10 18.87 -2.76
CA LEU A 166 -25.06 18.98 -4.23
C LEU A 166 -26.01 17.99 -4.93
N THR A 167 -26.39 18.27 -6.21
CA THR A 167 -27.28 17.40 -7.01
C THR A 167 -26.49 16.36 -7.83
N PRO A 168 -26.77 15.05 -7.66
CA PRO A 168 -26.09 14.04 -8.50
C PRO A 168 -26.39 14.26 -9.98
N HIS A 169 -25.35 14.26 -10.83
CA HIS A 169 -25.47 14.44 -12.27
C HIS A 169 -25.04 13.14 -12.97
N LEU A 170 -26.03 12.46 -13.61
CA LEU A 170 -25.88 11.17 -14.25
C LEU A 170 -26.21 11.11 -15.72
N THR A 171 -25.50 10.25 -16.45
CA THR A 171 -25.71 10.06 -17.86
C THR A 171 -26.13 8.63 -18.11
N MET A 172 -27.24 8.42 -18.84
CA MET A 172 -27.72 7.09 -19.21
C MET A 172 -26.84 6.60 -20.33
N VAL A 173 -26.15 5.48 -20.12
CA VAL A 173 -25.26 4.91 -21.13
C VAL A 173 -25.81 3.54 -21.57
N HIS A 174 -26.07 3.39 -22.86
CA HIS A 174 -26.62 2.16 -23.43
C HIS A 174 -25.52 1.12 -23.55
N SER A 175 -25.88 -0.14 -23.31
CA SER A 175 -25.01 -1.32 -23.38
C SER A 175 -24.16 -1.40 -24.67
N SER A 176 -24.68 -0.88 -25.81
CA SER A 176 -23.97 -0.87 -27.10
C SER A 176 -22.81 0.12 -27.07
N SER A 177 -22.93 1.17 -26.25
CA SER A 177 -21.90 2.18 -26.10
C SER A 177 -20.77 1.62 -25.21
N ILE A 178 -21.14 0.83 -24.17
CA ILE A 178 -20.21 0.14 -23.26
C ILE A 178 -19.43 -0.94 -24.03
N LEU A 179 -20.12 -1.62 -24.94
CA LEU A 179 -19.54 -2.66 -25.77
C LEU A 179 -18.55 -2.07 -26.77
N ALA A 180 -18.90 -0.88 -27.31
CA ALA A 180 -18.02 -0.13 -28.22
C ALA A 180 -16.74 0.32 -27.45
N MET A 181 -16.83 0.47 -26.12
CA MET A 181 -15.69 0.80 -25.25
C MET A 181 -14.80 -0.43 -25.13
N ARG A 182 -15.40 -1.59 -24.85
CA ARG A 182 -14.69 -2.86 -24.73
C ARG A 182 -13.92 -3.18 -26.00
N ASP A 183 -14.60 -3.05 -27.15
CA ASP A 183 -14.04 -3.34 -28.46
C ASP A 183 -12.87 -2.46 -28.86
N GLU A 184 -12.97 -1.14 -28.63
CA GLU A 184 -11.91 -0.16 -28.95
C GLU A 184 -10.65 -0.31 -28.04
N GLN A 185 -10.83 -0.89 -26.87
CA GLN A 185 -9.77 -1.06 -25.88
C GLN A 185 -9.10 -2.44 -25.94
N SER A 186 -9.34 -3.17 -27.04
CA SER A 186 -8.82 -4.50 -27.28
C SER A 186 -7.31 -4.58 -27.57
N ASN A 187 -6.66 -5.64 -27.03
CA ASN A 187 -5.26 -5.96 -27.32
C ASN A 187 -5.16 -6.20 -28.84
N PRO A 188 -4.10 -5.71 -29.54
CA PRO A 188 -4.01 -5.92 -31.00
C PRO A 188 -4.05 -7.39 -31.38
N ALA A 189 -4.67 -7.67 -32.54
CA ALA A 189 -4.88 -9.00 -33.11
C ALA A 189 -3.58 -9.79 -33.36
N PRO A 190 -3.44 -11.00 -32.76
CA PRO A 190 -2.22 -11.79 -33.00
C PRO A 190 -2.27 -12.57 -34.31
N SER A 211 19.27 -38.38 -4.19
CA SER A 211 18.32 -37.78 -3.24
C SER A 211 19.04 -36.91 -2.21
N LEU A 212 18.46 -35.72 -1.91
CA LEU A 212 18.97 -34.76 -0.92
C LEU A 212 19.04 -35.37 0.49
N TRP A 213 18.03 -36.16 0.89
CA TRP A 213 17.85 -36.72 2.23
C TRP A 213 18.88 -37.75 2.65
N SER A 214 19.69 -38.28 1.71
CA SER A 214 20.74 -39.24 2.03
C SER A 214 22.09 -38.53 2.20
N LEU A 215 22.16 -37.23 1.84
CA LEU A 215 23.38 -36.44 1.95
C LEU A 215 23.53 -35.94 3.39
N GLU A 216 24.15 -36.74 4.25
CA GLU A 216 24.28 -36.44 5.68
C GLU A 216 25.56 -35.64 6.08
N GLN A 217 26.48 -35.39 5.12
CA GLN A 217 27.71 -34.61 5.38
C GLN A 217 27.37 -33.15 5.81
N PRO A 218 28.20 -32.49 6.65
CA PRO A 218 27.88 -31.11 7.06
C PRO A 218 27.97 -30.16 5.87
N PHE A 219 27.09 -29.12 5.83
CA PHE A 219 27.15 -28.13 4.77
C PHE A 219 28.43 -27.32 4.90
N SER A 220 29.10 -27.08 3.76
CA SER A 220 30.36 -26.36 3.68
C SER A 220 30.49 -25.61 2.37
N ILE A 221 31.31 -24.55 2.36
CA ILE A 221 31.60 -23.71 1.20
C ILE A 221 33.08 -23.33 1.19
N GLU A 222 33.61 -22.94 0.02
CA GLU A 222 34.96 -22.40 -0.07
C GLU A 222 34.81 -20.91 -0.31
N LEU A 223 35.40 -20.11 0.59
CA LEU A 223 35.44 -18.66 0.48
C LEU A 223 36.74 -18.42 -0.27
N ILE A 224 36.63 -18.17 -1.59
CA ILE A 224 37.83 -18.00 -2.43
C ILE A 224 38.48 -16.65 -2.19
N GLU A 225 37.89 -15.56 -2.72
CA GLU A 225 38.48 -14.23 -2.65
C GLU A 225 37.44 -13.09 -2.70
N GLY A 226 37.93 -11.86 -2.49
CA GLY A 226 37.19 -10.61 -2.57
C GLY A 226 37.78 -9.76 -3.69
N ARG A 227 36.96 -8.92 -4.31
CA ARG A 227 37.37 -8.04 -5.42
C ARG A 227 36.79 -6.65 -5.22
N LYS A 228 37.50 -5.61 -5.67
CA LYS A 228 37.11 -4.19 -5.60
C LYS A 228 36.69 -3.75 -4.17
N VAL A 229 37.43 -4.26 -3.17
CA VAL A 229 37.19 -3.98 -1.75
C VAL A 229 37.87 -2.68 -1.32
N ASN A 230 37.09 -1.75 -0.74
CA ASN A 230 37.54 -0.44 -0.27
C ASN A 230 37.41 -0.35 1.25
N ALA A 231 38.56 -0.26 1.94
CA ALA A 231 38.64 -0.18 3.40
C ALA A 231 39.97 0.41 3.84
N ASP A 232 40.05 0.78 5.13
CA ASP A 232 41.21 1.34 5.82
C ASP A 232 42.29 0.27 5.88
N GLU A 233 43.45 0.55 5.25
CA GLU A 233 44.63 -0.31 5.16
C GLU A 233 45.27 -0.66 6.51
N ARG A 234 44.90 0.06 7.59
CA ARG A 234 45.39 -0.19 8.94
C ARG A 234 44.63 -1.36 9.62
N MET A 235 43.51 -1.78 9.01
CA MET A 235 42.60 -2.81 9.53
C MET A 235 42.71 -4.14 8.77
N LYS A 236 41.91 -5.15 9.20
CA LYS A 236 41.84 -6.47 8.58
C LYS A 236 40.42 -6.76 8.08
N LEU A 237 40.28 -7.66 7.10
CA LEU A 237 38.99 -8.05 6.50
C LEU A 237 38.52 -9.41 7.03
N VAL A 238 37.23 -9.50 7.37
CA VAL A 238 36.57 -10.70 7.88
C VAL A 238 35.26 -10.86 7.14
N VAL A 239 34.92 -12.11 6.76
CA VAL A 239 33.69 -12.50 6.13
C VAL A 239 32.89 -13.29 7.17
N GLN A 240 31.73 -12.75 7.59
CA GLN A 240 30.80 -13.42 8.50
C GLN A 240 29.76 -14.11 7.59
N ALA A 241 29.49 -15.39 7.86
CA ALA A 241 28.56 -16.16 7.04
C ALA A 241 27.56 -16.92 7.89
N GLY A 242 26.30 -16.85 7.47
CA GLY A 242 25.22 -17.53 8.19
C GLY A 242 24.21 -18.19 7.28
N LEU A 243 23.56 -19.25 7.81
CA LEU A 243 22.52 -20.01 7.13
C LEU A 243 21.22 -19.66 7.78
N PHE A 244 20.30 -19.09 6.99
CA PHE A 244 19.00 -18.61 7.46
C PHE A 244 17.83 -19.17 6.68
N HIS A 245 16.74 -19.33 7.40
CA HIS A 245 15.43 -19.69 6.91
C HIS A 245 14.59 -18.48 7.39
N GLY A 246 14.52 -17.48 6.53
CA GLY A 246 13.91 -16.21 6.88
C GLY A 246 14.87 -15.42 7.74
N ASN A 247 14.42 -14.99 8.93
CA ASN A 247 15.26 -14.25 9.88
C ASN A 247 15.94 -15.24 10.83
N GLU A 248 15.35 -16.45 10.97
CA GLU A 248 15.79 -17.52 11.87
C GLU A 248 17.07 -18.25 11.40
N MET A 249 18.06 -18.38 12.30
CA MET A 249 19.32 -19.08 11.99
C MET A 249 19.09 -20.58 11.92
N LEU A 250 19.72 -21.23 10.93
CA LEU A 250 19.63 -22.69 10.77
C LEU A 250 20.66 -23.41 11.63
N CYS A 251 21.72 -22.66 11.98
CA CYS A 251 22.86 -23.02 12.84
C CYS A 251 23.63 -21.74 13.20
N LYS A 252 24.70 -21.86 13.97
CA LYS A 252 25.55 -20.73 14.37
C LYS A 252 26.26 -20.10 13.16
N THR A 253 26.59 -18.82 13.26
CA THR A 253 27.31 -18.13 12.18
C THR A 253 28.78 -18.57 12.19
N VAL A 254 29.43 -18.59 11.02
CA VAL A 254 30.84 -18.95 10.91
C VAL A 254 31.61 -17.74 10.38
N SER A 255 32.89 -17.63 10.73
CA SER A 255 33.71 -16.51 10.29
C SER A 255 34.99 -16.96 9.65
N SER A 256 35.50 -16.14 8.73
CA SER A 256 36.80 -16.39 8.10
C SER A 256 37.91 -16.01 9.09
N SER A 257 39.17 -16.20 8.67
CA SER A 257 40.33 -15.76 9.41
C SER A 257 40.53 -14.28 9.01
N GLU A 258 41.21 -13.49 9.86
CA GLU A 258 41.48 -12.08 9.58
C GLU A 258 42.60 -12.05 8.56
N VAL A 259 42.37 -11.32 7.46
CA VAL A 259 43.28 -11.16 6.32
C VAL A 259 43.47 -9.64 6.13
N ASN A 260 44.72 -9.18 5.89
CA ASN A 260 45.05 -7.76 5.68
C ASN A 260 44.20 -7.09 4.62
N VAL A 261 43.76 -5.83 4.89
CA VAL A 261 42.97 -5.03 3.96
C VAL A 261 43.73 -4.75 2.67
N CYS A 262 43.05 -4.97 1.54
CA CYS A 262 43.50 -4.72 0.17
C CYS A 262 42.31 -4.82 -0.82
N SER A 263 42.51 -4.39 -2.07
CA SER A 263 41.50 -4.38 -3.14
C SER A 263 41.03 -5.81 -3.50
N GLU A 264 41.97 -6.78 -3.58
CA GLU A 264 41.68 -8.17 -3.89
C GLU A 264 42.09 -9.16 -2.76
N PRO A 265 41.38 -9.20 -1.61
CA PRO A 265 41.75 -10.15 -0.53
C PRO A 265 41.56 -11.62 -0.95
N VAL A 266 42.47 -12.51 -0.53
CA VAL A 266 42.40 -13.93 -0.89
C VAL A 266 42.30 -14.79 0.37
N TRP A 267 41.15 -15.46 0.54
CA TRP A 267 40.96 -16.35 1.69
C TRP A 267 41.30 -17.80 1.37
N LYS A 268 40.70 -18.35 0.26
CA LYS A 268 40.83 -19.73 -0.24
C LYS A 268 40.72 -20.74 0.93
N GLN A 269 39.62 -20.61 1.71
CA GLN A 269 39.40 -21.43 2.90
C GLN A 269 38.01 -22.05 2.97
N ARG A 270 37.91 -23.18 3.71
CA ARG A 270 36.67 -23.94 3.90
C ARG A 270 35.89 -23.45 5.11
N LEU A 271 34.61 -23.16 4.90
CA LEU A 271 33.70 -22.73 5.95
C LEU A 271 32.67 -23.84 6.13
N GLU A 272 32.75 -24.56 7.25
CA GLU A 272 31.83 -25.65 7.52
C GLU A 272 30.83 -25.27 8.59
N PHE A 273 29.54 -25.40 8.25
CA PHE A 273 28.40 -25.08 9.12
C PHE A 273 27.92 -26.32 9.85
N ASP A 274 27.31 -26.14 11.04
CA ASP A 274 26.82 -27.26 11.82
C ASP A 274 25.35 -27.56 11.50
N ILE A 275 25.16 -28.23 10.36
CA ILE A 275 23.90 -28.69 9.80
C ILE A 275 24.24 -29.57 8.60
N SER A 276 23.58 -30.73 8.48
CA SER A 276 23.78 -31.64 7.36
C SER A 276 23.17 -31.06 6.08
N VAL A 277 23.64 -31.54 4.91
CA VAL A 277 23.12 -31.13 3.60
C VAL A 277 21.64 -31.58 3.47
N CYS A 278 21.30 -32.78 4.02
CA CYS A 278 19.93 -33.31 4.01
C CYS A 278 18.91 -32.47 4.80
N ASP A 279 19.39 -31.66 5.77
CA ASP A 279 18.55 -30.86 6.67
C ASP A 279 18.28 -29.45 6.18
N LEU A 280 18.93 -29.03 5.09
CA LEU A 280 18.73 -27.72 4.49
C LEU A 280 17.28 -27.57 3.98
N PRO A 281 16.47 -26.62 4.54
CA PRO A 281 15.11 -26.47 4.01
C PRO A 281 15.16 -25.86 2.60
N ARG A 282 14.05 -25.99 1.86
CA ARG A 282 13.88 -25.48 0.50
C ARG A 282 14.23 -23.99 0.36
N MET A 283 13.83 -23.19 1.37
CA MET A 283 14.00 -21.74 1.38
C MET A 283 15.23 -21.26 2.14
N ALA A 284 16.25 -22.15 2.25
CA ALA A 284 17.50 -21.83 2.92
C ALA A 284 18.29 -20.84 2.10
N ARG A 285 18.77 -19.79 2.78
CA ARG A 285 19.61 -18.76 2.18
C ARG A 285 20.95 -18.64 2.93
N LEU A 286 22.02 -18.48 2.16
CA LEU A 286 23.36 -18.32 2.66
C LEU A 286 23.67 -16.82 2.61
N CYS A 287 23.93 -16.26 3.78
CA CYS A 287 24.13 -14.84 3.98
C CYS A 287 25.55 -14.48 4.32
N PHE A 288 26.08 -13.45 3.62
CA PHE A 288 27.44 -13.00 3.82
C PHE A 288 27.54 -11.54 4.26
N ALA A 289 28.58 -11.22 5.01
CA ALA A 289 28.88 -9.84 5.41
C ALA A 289 30.38 -9.69 5.48
N LEU A 290 30.89 -8.75 4.71
CA LEU A 290 32.31 -8.45 4.70
C LEU A 290 32.49 -7.21 5.56
N TYR A 291 33.50 -7.22 6.42
CA TYR A 291 33.75 -6.09 7.29
C TYR A 291 35.21 -5.93 7.66
N ALA A 292 35.57 -4.74 8.15
CA ALA A 292 36.91 -4.42 8.59
C ALA A 292 36.97 -4.32 10.12
N VAL A 293 38.04 -4.83 10.71
CA VAL A 293 38.26 -4.81 12.16
C VAL A 293 39.64 -4.26 12.52
N VAL A 294 39.75 -3.68 13.74
CA VAL A 294 40.99 -3.15 14.33
C VAL A 294 41.84 -4.35 14.77
N ASP A 311 34.26 -2.41 14.96
CA ASP A 311 33.86 -3.11 13.74
C ASP A 311 33.36 -2.10 12.70
N CYS A 312 33.86 -2.20 11.46
CA CYS A 312 33.51 -1.34 10.33
C CYS A 312 32.76 -2.13 9.24
N PRO A 313 31.40 -2.01 9.15
CA PRO A 313 30.67 -2.76 8.09
C PRO A 313 30.96 -2.22 6.69
N ILE A 314 31.25 -3.14 5.75
CA ILE A 314 31.58 -2.79 4.36
C ILE A 314 30.46 -3.19 3.41
N ALA A 315 30.27 -4.50 3.22
CA ALA A 315 29.28 -5.03 2.30
C ALA A 315 28.61 -6.29 2.83
N TRP A 316 27.52 -6.69 2.18
CA TRP A 316 26.71 -7.89 2.48
C TRP A 316 26.16 -8.42 1.15
N ALA A 317 25.89 -9.74 1.08
CA ALA A 317 25.31 -10.43 -0.09
C ALA A 317 24.68 -11.74 0.34
N ASN A 318 23.57 -12.13 -0.28
CA ASN A 318 22.85 -13.36 0.04
C ASN A 318 22.54 -14.13 -1.23
N LEU A 319 22.29 -15.44 -1.07
CA LEU A 319 21.88 -16.33 -2.15
C LEU A 319 21.07 -17.50 -1.63
N MET A 320 20.14 -17.98 -2.45
CA MET A 320 19.33 -19.16 -2.19
C MET A 320 20.22 -20.37 -2.45
N LEU A 321 20.16 -21.42 -1.62
CA LEU A 321 21.01 -22.61 -1.84
C LEU A 321 20.47 -23.53 -2.94
N PHE A 322 19.16 -23.46 -3.20
CA PHE A 322 18.51 -24.20 -4.27
C PHE A 322 18.05 -23.16 -5.32
N ASP A 323 18.13 -23.48 -6.61
CA ASP A 323 17.72 -22.56 -7.67
C ASP A 323 16.20 -22.54 -7.84
N TYR A 324 15.70 -21.78 -8.83
CA TYR A 324 14.26 -21.66 -9.08
C TYR A 324 13.63 -22.97 -9.53
N LYS A 325 14.45 -23.88 -10.09
CA LYS A 325 14.04 -25.20 -10.56
C LYS A 325 14.29 -26.32 -9.55
N ASP A 326 14.47 -25.96 -8.26
CA ASP A 326 14.68 -26.85 -7.09
C ASP A 326 16.07 -27.53 -7.01
N GLN A 327 17.00 -27.19 -7.92
CA GLN A 327 18.33 -27.79 -7.94
C GLN A 327 19.27 -27.15 -6.91
N LEU A 328 19.92 -28.00 -6.08
CA LEU A 328 20.90 -27.57 -5.08
C LEU A 328 22.10 -27.00 -5.85
N LYS A 329 22.48 -25.77 -5.53
CA LYS A 329 23.53 -25.08 -6.29
C LYS A 329 24.93 -25.62 -6.07
N THR A 330 25.68 -25.76 -7.17
CA THR A 330 27.08 -26.20 -7.17
C THR A 330 27.88 -25.29 -8.09
N GLY A 331 29.19 -25.29 -7.90
CA GLY A 331 30.11 -24.52 -8.70
C GLY A 331 30.48 -23.16 -8.13
N GLU A 332 31.24 -22.38 -8.92
CA GLU A 332 31.70 -21.06 -8.53
C GLU A 332 30.59 -20.04 -8.63
N ARG A 333 30.52 -19.16 -7.63
CA ARG A 333 29.56 -18.06 -7.60
C ARG A 333 30.29 -16.77 -7.35
N CYS A 334 29.97 -15.75 -8.16
CA CYS A 334 30.54 -14.42 -8.02
C CYS A 334 29.42 -13.56 -7.49
N LEU A 335 29.54 -13.17 -6.22
CA LEU A 335 28.53 -12.40 -5.53
C LEU A 335 28.88 -10.92 -5.52
N TYR A 336 28.15 -10.13 -6.32
CA TYR A 336 28.32 -8.68 -6.38
C TYR A 336 27.56 -8.10 -5.19
N MET A 337 28.34 -7.67 -4.20
CA MET A 337 27.84 -7.23 -2.90
C MET A 337 27.21 -5.86 -2.87
N TRP A 338 26.31 -5.69 -1.90
CA TRP A 338 25.60 -4.45 -1.63
C TRP A 338 26.31 -3.73 -0.49
N PRO A 339 26.44 -2.39 -0.53
CA PRO A 339 27.16 -1.69 0.55
C PRO A 339 26.32 -1.62 1.82
N SER A 340 26.97 -1.90 2.97
CA SER A 340 26.31 -1.90 4.28
C SER A 340 26.12 -0.50 4.86
N VAL A 341 25.02 -0.32 5.62
CA VAL A 341 24.69 0.95 6.28
C VAL A 341 25.04 0.87 7.77
N LEU A 348 25.68 -8.29 12.06
CA LEU A 348 26.02 -7.55 10.85
C LEU A 348 25.41 -8.18 9.60
N LEU A 349 24.88 -9.42 9.74
CA LEU A 349 24.27 -10.17 8.66
C LEU A 349 22.89 -9.65 8.33
N ASN A 350 22.53 -9.63 7.04
CA ASN A 350 21.26 -9.10 6.57
C ASN A 350 20.38 -10.19 5.88
N PRO A 351 19.74 -11.12 6.61
CA PRO A 351 18.94 -12.17 5.93
C PRO A 351 17.71 -11.69 5.15
N ALA A 352 17.05 -10.57 5.56
CA ALA A 352 15.88 -10.08 4.81
C ALA A 352 16.26 -9.49 3.45
N GLY A 353 17.54 -9.16 3.28
CA GLY A 353 18.08 -8.60 2.05
C GLY A 353 17.85 -9.47 0.82
N THR A 354 17.79 -8.83 -0.35
CA THR A 354 17.60 -9.48 -1.65
C THR A 354 18.65 -10.59 -1.89
N VAL A 355 18.24 -11.65 -2.58
CA VAL A 355 19.11 -12.77 -2.92
C VAL A 355 19.68 -12.63 -4.33
N ARG A 356 19.63 -11.41 -4.89
CA ARG A 356 20.19 -11.14 -6.22
C ARG A 356 21.34 -10.17 -6.05
N GLY A 357 22.37 -10.36 -6.87
CA GLY A 357 23.57 -9.54 -6.84
C GLY A 357 23.33 -8.11 -7.21
N ASN A 358 24.25 -7.24 -6.75
CA ASN A 358 24.24 -5.81 -7.03
C ASN A 358 24.48 -5.62 -8.57
N PRO A 359 23.55 -4.98 -9.31
CA PRO A 359 23.75 -4.81 -10.77
C PRO A 359 24.95 -3.94 -11.15
N ASN A 360 25.39 -3.03 -10.26
CA ASN A 360 26.53 -2.16 -10.52
C ASN A 360 27.84 -2.96 -10.34
N THR A 361 28.10 -3.89 -11.28
CA THR A 361 29.24 -4.79 -11.31
C THR A 361 30.60 -4.03 -11.35
N GLU A 362 30.61 -2.81 -11.95
CA GLU A 362 31.74 -1.90 -12.12
C GLU A 362 32.34 -1.34 -10.83
N SER A 363 31.51 -0.96 -9.85
CA SER A 363 31.96 -0.37 -8.58
C SER A 363 31.81 -1.30 -7.36
N ALA A 364 30.91 -2.29 -7.43
CA ALA A 364 30.63 -3.20 -6.33
C ALA A 364 31.77 -4.12 -5.94
N ALA A 365 31.91 -4.30 -4.61
CA ALA A 365 32.81 -5.26 -3.99
C ALA A 365 32.19 -6.62 -4.36
N ALA A 366 33.01 -7.58 -4.75
CA ALA A 366 32.54 -8.90 -5.13
C ALA A 366 33.24 -9.98 -4.31
N LEU A 367 32.47 -10.97 -3.86
CA LEU A 367 32.95 -12.13 -3.12
C LEU A 367 32.82 -13.29 -4.06
N VAL A 368 33.90 -14.05 -4.20
CA VAL A 368 33.95 -15.23 -5.05
C VAL A 368 33.88 -16.38 -4.07
N ILE A 369 32.94 -17.29 -4.29
CA ILE A 369 32.74 -18.47 -3.43
C ILE A 369 32.65 -19.72 -4.30
N TYR A 370 32.82 -20.91 -3.70
CA TYR A 370 32.69 -22.18 -4.40
C TYR A 370 31.74 -23.10 -3.65
N LEU A 371 30.67 -23.54 -4.34
CA LEU A 371 29.67 -24.45 -3.78
C LEU A 371 30.06 -25.88 -4.20
N PRO A 372 30.43 -26.74 -3.24
CA PRO A 372 30.94 -28.08 -3.61
C PRO A 372 29.91 -29.08 -4.16
N GLU A 373 30.41 -29.99 -5.02
CA GLU A 373 29.67 -31.08 -5.63
C GLU A 373 29.48 -32.13 -4.57
N VAL A 374 28.27 -32.18 -4.01
CA VAL A 374 27.88 -33.09 -2.93
C VAL A 374 27.46 -34.48 -3.44
N ALA A 375 27.38 -34.65 -4.78
CA ALA A 375 26.94 -35.89 -5.45
C ALA A 375 27.44 -35.91 -6.91
N PRO A 376 27.58 -37.09 -7.57
CA PRO A 376 28.05 -37.09 -8.97
C PRO A 376 26.99 -36.60 -9.98
N HIS A 377 25.69 -36.61 -9.56
CA HIS A 377 24.55 -36.21 -10.39
C HIS A 377 23.77 -35.02 -9.78
N PRO A 378 23.02 -34.21 -10.57
CA PRO A 378 22.25 -33.10 -9.98
C PRO A 378 21.28 -33.57 -8.88
N VAL A 379 21.25 -32.79 -7.78
CA VAL A 379 20.43 -33.03 -6.59
C VAL A 379 19.34 -31.96 -6.49
N TYR A 380 18.09 -32.41 -6.48
CA TYR A 380 16.91 -31.61 -6.44
C TYR A 380 16.21 -31.71 -5.10
N PHE A 381 15.45 -30.67 -4.73
CA PHE A 381 14.70 -30.74 -3.49
C PHE A 381 13.57 -31.77 -3.66
N PRO A 382 13.34 -32.69 -2.70
CA PRO A 382 12.26 -33.69 -2.88
C PRO A 382 10.91 -33.05 -3.21
N ALA A 383 10.18 -33.65 -4.16
CA ALA A 383 8.85 -33.21 -4.59
C ALA A 383 7.85 -33.36 -3.43
N LEU A 384 6.68 -32.66 -3.51
CA LEU A 384 5.66 -32.70 -2.47
C LEU A 384 5.17 -34.12 -2.08
N GLU A 385 5.10 -35.07 -3.03
CA GLU A 385 4.69 -36.46 -2.76
C GLU A 385 5.68 -37.22 -1.85
N LYS A 386 6.99 -36.99 -2.03
CA LYS A 386 8.01 -37.62 -1.18
C LYS A 386 7.97 -36.98 0.23
N ILE A 387 7.70 -35.64 0.31
CA ILE A 387 7.61 -34.91 1.58
C ILE A 387 6.43 -35.45 2.41
N LEU A 388 5.27 -35.58 1.77
CA LEU A 388 4.04 -36.05 2.41
C LEU A 388 4.17 -37.45 2.97
N GLU A 389 4.77 -38.38 2.20
CA GLU A 389 4.98 -39.78 2.59
C GLU A 389 5.86 -39.93 3.84
N LEU A 390 6.83 -39.02 4.04
CA LEU A 390 7.73 -39.02 5.20
C LEU A 390 7.06 -38.40 6.45
N GLY A 391 6.33 -37.30 6.26
CA GLY A 391 5.63 -36.58 7.32
C GLY A 391 4.30 -37.16 7.75
N ARG A 392 3.74 -38.07 6.91
CA ARG A 392 2.47 -38.80 7.11
C ARG A 392 2.62 -39.73 8.33
N HIS A 393 3.84 -40.21 8.59
CA HIS A 393 4.13 -41.10 9.70
C HIS A 393 4.57 -40.32 10.92
N GLY A 394 3.76 -40.42 11.98
CA GLY A 394 3.98 -39.75 13.25
C GLY A 394 3.17 -40.38 14.38
N GLU A 395 3.13 -39.69 15.53
CA GLU A 395 2.39 -40.11 16.72
C GLU A 395 1.53 -38.93 17.20
N ARG A 396 0.25 -39.20 17.49
CA ARG A 396 -0.68 -38.17 17.94
C ARG A 396 -0.55 -37.90 19.45
N GLY A 397 -0.83 -36.66 19.84
CA GLY A 397 -0.71 -36.19 21.22
C GLY A 397 -1.77 -36.70 22.19
N ARG A 398 -1.64 -37.96 22.63
CA ARG A 398 -2.52 -38.57 23.62
C ARG A 398 -1.99 -38.14 25.00
N ILE A 399 -2.46 -36.99 25.48
CA ILE A 399 -2.02 -36.36 26.73
C ILE A 399 -3.23 -35.96 27.62
N THR A 400 -2.98 -35.78 28.94
CA THR A 400 -3.92 -35.41 30.02
C THR A 400 -4.79 -34.17 29.74
N GLU A 401 -5.93 -34.06 30.46
CA GLU A 401 -6.87 -32.94 30.35
C GLU A 401 -6.32 -31.65 30.98
N GLU A 402 -5.36 -31.78 31.94
CA GLU A 402 -4.72 -30.65 32.63
C GLU A 402 -3.74 -29.94 31.69
N GLU A 403 -2.94 -30.71 30.91
CA GLU A 403 -2.01 -30.15 29.93
C GLU A 403 -2.73 -29.64 28.67
N GLN A 404 -4.00 -30.09 28.47
CA GLN A 404 -4.88 -29.66 27.38
C GLN A 404 -5.35 -28.23 27.70
N LEU A 405 -5.51 -27.94 29.01
CA LEU A 405 -5.88 -26.61 29.51
C LEU A 405 -4.69 -25.67 29.41
N GLN A 406 -3.46 -26.22 29.54
CA GLN A 406 -2.19 -25.48 29.40
C GLN A 406 -2.03 -25.08 27.93
N LEU A 407 -2.31 -26.01 27.00
CA LEU A 407 -2.24 -25.83 25.55
C LEU A 407 -3.24 -24.80 25.07
N ARG A 408 -4.54 -24.95 25.47
CA ARG A 408 -5.63 -24.04 25.10
C ARG A 408 -5.25 -22.61 25.50
N GLU A 409 -4.72 -22.45 26.73
CA GLU A 409 -4.26 -21.18 27.30
C GLU A 409 -3.19 -20.49 26.43
N ILE A 410 -2.14 -21.24 26.04
CA ILE A 410 -1.03 -20.69 25.25
C ILE A 410 -1.37 -20.54 23.73
N LEU A 411 -2.43 -21.22 23.23
CA LEU A 411 -2.84 -21.09 21.83
C LEU A 411 -3.84 -19.94 21.63
N GLU A 412 -4.56 -19.56 22.70
CA GLU A 412 -5.53 -18.46 22.69
C GLU A 412 -4.88 -17.13 23.12
N ARG A 413 -3.69 -17.23 23.78
CA ARG A 413 -2.87 -16.12 24.28
C ARG A 413 -2.42 -15.18 23.14
N GLY A 417 3.60 -12.77 20.90
CA GLY A 417 3.17 -14.02 21.50
C GLY A 417 4.29 -15.01 21.75
N GLU A 418 5.43 -14.53 22.29
CA GLU A 418 6.60 -15.35 22.60
C GLU A 418 6.36 -16.30 23.78
N LEU A 419 6.96 -17.51 23.71
CA LEU A 419 6.77 -18.53 24.73
C LEU A 419 8.04 -19.33 25.05
N TYR A 420 8.17 -19.74 26.33
CA TYR A 420 9.28 -20.53 26.88
C TYR A 420 9.40 -21.89 26.17
N GLU A 421 10.63 -22.43 26.14
CA GLU A 421 10.99 -23.69 25.47
C GLU A 421 10.08 -24.88 25.81
N HIS A 422 9.66 -25.04 27.09
CA HIS A 422 8.80 -26.16 27.47
C HIS A 422 7.41 -26.05 26.84
N GLU A 423 6.95 -24.80 26.57
CA GLU A 423 5.67 -24.53 25.93
C GLU A 423 5.76 -24.84 24.42
N LYS A 424 6.94 -24.60 23.79
CA LYS A 424 7.22 -24.91 22.37
C LYS A 424 7.16 -26.43 22.16
N ASP A 425 7.77 -27.19 23.11
CA ASP A 425 7.80 -28.65 23.15
C ASP A 425 6.38 -29.23 23.21
N LEU A 426 5.48 -28.57 23.99
CA LEU A 426 4.10 -29.01 24.17
C LEU A 426 3.26 -28.70 22.93
N VAL A 427 3.44 -27.49 22.35
CA VAL A 427 2.74 -27.07 21.13
C VAL A 427 3.07 -28.03 19.98
N TRP A 428 4.38 -28.32 19.79
CA TRP A 428 4.84 -29.27 18.78
C TRP A 428 4.26 -30.68 18.98
N LYS A 429 4.29 -31.18 20.23
CA LYS A 429 3.72 -32.49 20.54
C LYS A 429 2.22 -32.53 20.23
N MET A 430 1.50 -31.43 20.55
CA MET A 430 0.05 -31.31 20.32
C MET A 430 -0.30 -30.69 18.96
N ARG A 431 0.57 -30.85 17.94
CA ARG A 431 0.35 -30.27 16.60
C ARG A 431 -0.93 -30.80 15.91
N HIS A 432 -1.29 -32.09 16.17
CA HIS A 432 -2.51 -32.66 15.56
C HIS A 432 -3.74 -32.00 16.14
N GLU A 433 -3.71 -31.70 17.44
CA GLU A 433 -4.79 -31.02 18.17
C GLU A 433 -4.91 -29.58 17.66
N VAL A 434 -3.75 -28.92 17.36
CA VAL A 434 -3.67 -27.57 16.80
C VAL A 434 -4.44 -27.52 15.46
N GLN A 435 -4.16 -28.44 14.52
CA GLN A 435 -4.85 -28.52 13.22
C GLN A 435 -6.38 -28.73 13.38
N GLU A 436 -6.78 -29.75 14.16
CA GLU A 436 -8.18 -30.13 14.37
C GLU A 436 -9.05 -29.15 15.20
N HIS A 437 -8.50 -28.49 16.26
CA HIS A 437 -9.36 -27.64 17.12
C HIS A 437 -8.93 -26.20 17.27
N PHE A 438 -7.73 -25.82 16.80
CA PHE A 438 -7.24 -24.44 16.86
C PHE A 438 -6.61 -24.07 15.50
N PRO A 439 -7.25 -24.33 14.32
CA PRO A 439 -6.58 -24.05 13.04
C PRO A 439 -6.06 -22.60 12.86
N GLU A 440 -6.61 -21.65 13.59
CA GLU A 440 -6.15 -20.26 13.53
C GLU A 440 -4.80 -20.06 14.25
N ALA A 441 -4.28 -21.11 14.92
CA ALA A 441 -3.00 -21.09 15.66
C ALA A 441 -1.81 -21.65 14.82
N LEU A 442 -2.03 -21.78 13.50
CA LEU A 442 -1.06 -22.26 12.51
C LEU A 442 0.25 -21.48 12.57
N ALA A 443 0.17 -20.13 12.65
CA ALA A 443 1.36 -19.29 12.73
C ALA A 443 2.23 -19.65 13.96
N ARG A 444 1.62 -19.90 15.14
CA ARG A 444 2.34 -20.30 16.35
C ARG A 444 3.07 -21.63 16.18
N LEU A 445 2.38 -22.63 15.58
CA LEU A 445 2.93 -23.96 15.30
C LEU A 445 4.09 -23.85 14.29
N LEU A 446 3.93 -23.04 13.22
CA LEU A 446 4.98 -22.86 12.21
C LEU A 446 6.25 -22.27 12.84
N LEU A 447 6.10 -21.40 13.87
CA LEU A 447 7.25 -20.82 14.58
C LEU A 447 7.96 -21.82 15.52
N VAL A 448 7.23 -22.83 16.04
CA VAL A 448 7.84 -23.83 16.93
C VAL A 448 8.48 -24.96 16.12
N THR A 449 8.09 -25.14 14.84
CA THR A 449 8.64 -26.18 13.94
C THR A 449 10.15 -25.98 13.78
N LYS A 450 10.88 -27.07 13.82
CA LYS A 450 12.33 -27.06 13.67
C LYS A 450 12.66 -27.13 12.18
N TRP A 451 12.89 -25.95 11.58
CA TRP A 451 13.15 -25.80 10.14
C TRP A 451 14.51 -26.31 9.72
N ASN A 452 15.38 -26.66 10.69
CA ASN A 452 16.72 -27.21 10.46
C ASN A 452 16.73 -28.75 10.57
N LYS A 453 15.55 -29.39 10.70
CA LYS A 453 15.38 -30.85 10.82
C LYS A 453 14.37 -31.25 9.75
N HIS A 454 14.79 -31.96 8.68
CA HIS A 454 13.92 -32.25 7.53
C HIS A 454 12.70 -33.12 7.86
N GLU A 455 12.81 -33.99 8.87
CA GLU A 455 11.71 -34.85 9.30
C GLU A 455 10.62 -34.05 9.98
N ASP A 456 11.00 -33.04 10.82
CA ASP A 456 10.07 -32.12 11.50
C ASP A 456 9.34 -31.25 10.48
N VAL A 457 10.05 -30.81 9.43
CA VAL A 457 9.53 -30.00 8.31
C VAL A 457 8.52 -30.86 7.50
N ALA A 458 8.84 -32.14 7.25
CA ALA A 458 7.92 -33.06 6.56
C ALA A 458 6.61 -33.23 7.37
N GLN A 459 6.72 -33.37 8.71
CA GLN A 459 5.56 -33.52 9.62
C GLN A 459 4.71 -32.26 9.65
N MET A 460 5.36 -31.08 9.59
CA MET A 460 4.64 -29.81 9.55
C MET A 460 3.92 -29.68 8.20
N LEU A 461 4.67 -29.93 7.08
CA LEU A 461 4.14 -29.86 5.73
C LEU A 461 2.94 -30.79 5.52
N TYR A 462 3.00 -32.04 6.01
CA TYR A 462 1.87 -32.98 5.93
C TYR A 462 0.56 -32.38 6.52
N LEU A 463 0.66 -31.73 7.71
CA LEU A 463 -0.47 -31.11 8.38
C LEU A 463 -0.97 -29.89 7.63
N LEU A 464 -0.04 -29.13 7.03
CA LEU A 464 -0.37 -27.91 6.30
C LEU A 464 -1.16 -28.22 5.03
N CYS A 465 -0.85 -29.38 4.41
CA CYS A 465 -1.51 -29.77 3.18
C CYS A 465 -2.98 -30.21 3.40
N SER A 466 -3.36 -30.49 4.65
CA SER A 466 -4.76 -30.78 4.98
C SER A 466 -5.36 -29.72 5.94
N TRP A 467 -4.64 -28.58 6.11
CA TRP A 467 -5.06 -27.49 7.01
C TRP A 467 -6.26 -26.71 6.41
N PRO A 468 -7.33 -26.44 7.18
CA PRO A 468 -8.45 -25.67 6.59
C PRO A 468 -8.04 -24.24 6.20
N GLU A 469 -8.75 -23.64 5.23
CA GLU A 469 -8.52 -22.26 4.80
C GLU A 469 -8.72 -21.33 6.00
N LEU A 470 -7.82 -20.37 6.12
CA LEU A 470 -7.86 -19.45 7.25
C LEU A 470 -8.47 -18.11 6.92
N PRO A 471 -8.93 -17.31 7.91
CA PRO A 471 -9.47 -15.98 7.59
C PRO A 471 -8.37 -15.10 7.01
N VAL A 472 -8.79 -14.11 6.22
CA VAL A 472 -7.92 -13.12 5.58
C VAL A 472 -6.87 -12.56 6.57
N LEU A 473 -7.31 -12.26 7.82
CA LEU A 473 -6.47 -11.73 8.89
C LEU A 473 -5.27 -12.62 9.17
N SER A 474 -5.54 -13.92 9.41
CA SER A 474 -4.54 -14.96 9.65
C SER A 474 -3.61 -15.08 8.45
N ALA A 475 -4.17 -15.09 7.24
CA ALA A 475 -3.41 -15.19 5.98
C ALA A 475 -2.33 -14.09 5.82
N LEU A 476 -2.66 -12.82 6.16
CA LEU A 476 -1.77 -11.65 6.08
C LEU A 476 -0.56 -11.77 7.00
N GLU A 477 -0.75 -12.42 8.15
CA GLU A 477 0.29 -12.69 9.13
C GLU A 477 1.30 -13.65 8.51
N LEU A 478 0.79 -14.66 7.78
CA LEU A 478 1.59 -15.70 7.13
C LEU A 478 2.46 -15.20 5.98
N LEU A 479 2.17 -14.00 5.44
CA LEU A 479 2.99 -13.40 4.37
C LEU A 479 4.23 -12.72 4.91
N ASP A 480 4.32 -12.57 6.23
CA ASP A 480 5.48 -11.95 6.86
C ASP A 480 6.73 -12.80 6.56
N PHE A 481 7.90 -12.15 6.54
CA PHE A 481 9.17 -12.82 6.29
C PHE A 481 9.49 -13.89 7.39
N SER A 482 8.82 -13.83 8.57
CA SER A 482 8.93 -14.83 9.66
C SER A 482 8.41 -16.22 9.26
N PHE A 483 7.70 -16.35 8.11
CA PHE A 483 7.19 -17.64 7.60
C PHE A 483 7.75 -17.79 6.18
N PRO A 484 9.06 -18.05 6.03
CA PRO A 484 9.66 -18.03 4.68
C PRO A 484 9.37 -19.22 3.77
N ASP A 485 8.85 -20.36 4.31
CA ASP A 485 8.56 -21.53 3.48
C ASP A 485 7.62 -21.24 2.31
N CYS A 486 7.98 -21.78 1.11
CA CYS A 486 7.20 -21.63 -0.13
C CYS A 486 5.82 -22.28 -0.09
N TYR A 487 5.68 -23.40 0.63
CA TYR A 487 4.37 -24.04 0.76
C TYR A 487 3.47 -23.27 1.72
N VAL A 488 4.07 -22.63 2.73
CA VAL A 488 3.37 -21.74 3.67
C VAL A 488 2.84 -20.49 2.90
N GLY A 489 3.70 -19.89 2.06
CA GLY A 489 3.35 -18.73 1.23
C GLY A 489 2.23 -19.08 0.26
N SER A 490 2.33 -20.28 -0.36
CA SER A 490 1.33 -20.80 -1.28
C SER A 490 -0.04 -20.95 -0.57
N PHE A 491 0.00 -21.42 0.68
CA PHE A 491 -1.17 -21.62 1.54
C PHE A 491 -1.76 -20.27 1.93
N ALA A 492 -0.89 -19.28 2.21
CA ALA A 492 -1.30 -17.94 2.62
C ALA A 492 -2.08 -17.27 1.47
N ILE A 493 -1.58 -17.42 0.22
CA ILE A 493 -2.19 -16.89 -1.00
C ILE A 493 -3.54 -17.55 -1.24
N LYS A 494 -3.59 -18.89 -1.06
CA LYS A 494 -4.79 -19.70 -1.17
C LYS A 494 -5.90 -19.17 -0.26
N SER A 495 -5.59 -18.82 1.00
CA SER A 495 -6.54 -18.24 1.96
C SER A 495 -6.87 -16.74 1.65
N LEU A 496 -6.05 -16.07 0.78
CA LEU A 496 -6.29 -14.67 0.40
C LEU A 496 -7.09 -14.55 -0.91
N ARG A 497 -7.33 -15.65 -1.61
CA ARG A 497 -8.08 -15.61 -2.86
C ARG A 497 -9.52 -15.07 -2.68
N LYS A 498 -10.07 -15.19 -1.47
CA LYS A 498 -11.40 -14.76 -1.09
C LYS A 498 -11.48 -13.27 -0.78
N LEU A 499 -10.31 -12.56 -0.80
CA LEU A 499 -10.29 -11.10 -0.60
C LEU A 499 -11.18 -10.47 -1.68
N THR A 500 -12.01 -9.50 -1.30
CA THR A 500 -12.85 -8.78 -2.25
C THR A 500 -11.90 -7.79 -2.97
N ASP A 501 -12.31 -7.20 -4.08
CA ASP A 501 -11.48 -6.20 -4.73
C ASP A 501 -11.29 -4.97 -3.83
N ASP A 502 -12.29 -4.65 -2.96
CA ASP A 502 -12.19 -3.53 -2.03
C ASP A 502 -11.16 -3.80 -0.93
N GLU A 503 -11.12 -5.05 -0.38
CA GLU A 503 -10.14 -5.43 0.65
C GLU A 503 -8.77 -5.49 0.03
N LEU A 504 -8.66 -6.14 -1.12
CA LEU A 504 -7.40 -6.23 -1.86
C LEU A 504 -6.82 -4.83 -2.12
N PHE A 505 -7.66 -3.91 -2.56
CA PHE A 505 -7.27 -2.51 -2.79
C PHE A 505 -6.74 -1.83 -1.51
N GLN A 506 -7.42 -2.07 -0.39
CA GLN A 506 -7.03 -1.56 0.92
C GLN A 506 -5.61 -2.10 1.32
N TYR A 507 -5.28 -3.36 1.00
CA TYR A 507 -4.00 -3.96 1.39
C TYR A 507 -2.95 -4.11 0.29
N LEU A 508 -3.22 -3.55 -0.88
CA LEU A 508 -2.36 -3.62 -2.08
C LEU A 508 -0.95 -3.14 -1.82
N LEU A 509 -0.81 -1.99 -1.19
CA LEU A 509 0.47 -1.40 -0.82
C LEU A 509 1.32 -2.40 -0.04
N GLN A 510 0.75 -3.11 0.97
CA GLN A 510 1.50 -4.08 1.79
C GLN A 510 1.84 -5.32 0.98
N LEU A 511 0.91 -5.79 0.15
CA LEU A 511 1.16 -6.96 -0.69
C LEU A 511 2.28 -6.70 -1.67
N VAL A 512 2.36 -5.48 -2.21
CA VAL A 512 3.47 -5.11 -3.11
C VAL A 512 4.80 -5.11 -2.35
N GLN A 513 4.81 -4.67 -1.06
CA GLN A 513 6.07 -4.68 -0.30
C GLN A 513 6.57 -6.09 -0.06
N VAL A 514 5.64 -7.06 0.12
CA VAL A 514 5.88 -8.51 0.32
C VAL A 514 6.71 -9.09 -0.86
N LEU A 515 6.55 -8.54 -2.09
CA LEU A 515 7.30 -8.98 -3.27
C LEU A 515 8.81 -8.86 -3.06
N LYS A 516 9.24 -7.91 -2.22
CA LYS A 516 10.66 -7.70 -1.83
C LYS A 516 11.21 -8.80 -0.93
N TYR A 517 10.35 -9.64 -0.33
CA TYR A 517 10.78 -10.78 0.50
C TYR A 517 10.91 -12.06 -0.33
N GLU A 518 10.35 -12.07 -1.57
CA GLU A 518 10.37 -13.23 -2.47
C GLU A 518 11.77 -13.56 -2.91
N SER A 519 12.07 -14.85 -2.91
CA SER A 519 13.36 -15.42 -3.25
C SER A 519 13.44 -15.70 -4.73
N TYR A 520 12.30 -15.99 -5.38
CA TYR A 520 12.29 -16.25 -6.83
C TYR A 520 11.41 -15.31 -7.57
N LEU A 521 11.69 -15.10 -8.86
CA LEU A 521 10.91 -14.23 -9.72
C LEU A 521 9.48 -14.77 -9.94
N ASP A 522 9.35 -16.01 -10.37
CA ASP A 522 8.04 -16.61 -10.62
C ASP A 522 7.51 -17.15 -9.29
N CYS A 523 6.57 -16.42 -8.68
CA CYS A 523 6.00 -16.82 -7.40
C CYS A 523 4.45 -16.70 -7.40
N GLU A 524 3.78 -17.36 -6.42
CA GLU A 524 2.32 -17.35 -6.35
C GLU A 524 1.76 -15.96 -6.10
N LEU A 525 2.47 -15.12 -5.34
CA LEU A 525 2.06 -13.76 -5.06
C LEU A 525 2.08 -12.85 -6.30
N THR A 526 3.08 -13.01 -7.18
CA THR A 526 3.14 -12.23 -8.43
C THR A 526 1.95 -12.64 -9.32
N LYS A 527 1.72 -13.98 -9.48
CA LYS A 527 0.62 -14.54 -10.27
C LYS A 527 -0.70 -14.05 -9.75
N PHE A 528 -0.92 -14.10 -8.39
CA PHE A 528 -2.13 -13.62 -7.73
C PHE A 528 -2.37 -12.11 -8.03
N LEU A 529 -1.37 -11.25 -7.78
CA LEU A 529 -1.43 -9.79 -8.02
C LEU A 529 -1.69 -9.45 -9.47
N LEU A 530 -1.02 -10.17 -10.43
CA LEU A 530 -1.25 -9.94 -11.85
C LEU A 530 -2.67 -10.32 -12.28
N GLY A 531 -3.18 -11.47 -11.82
CA GLY A 531 -4.52 -11.94 -12.13
C GLY A 531 -5.58 -11.00 -11.58
N ARG A 532 -5.38 -10.51 -10.35
CA ARG A 532 -6.33 -9.55 -9.76
C ARG A 532 -6.28 -8.19 -10.48
N ALA A 533 -5.07 -7.75 -10.90
CA ALA A 533 -4.84 -6.49 -11.64
C ALA A 533 -5.44 -6.55 -13.04
N LEU A 534 -5.36 -7.72 -13.70
CA LEU A 534 -5.91 -7.84 -15.03
C LEU A 534 -7.43 -8.01 -15.04
N ALA A 535 -8.02 -8.34 -13.87
CA ALA A 535 -9.46 -8.52 -13.64
C ALA A 535 -10.15 -7.22 -13.11
N ASN A 536 -9.36 -6.23 -12.69
CA ASN A 536 -9.88 -4.96 -12.16
C ASN A 536 -8.92 -3.84 -12.56
N ARG A 537 -9.38 -2.88 -13.41
CA ARG A 537 -8.60 -1.75 -13.93
C ARG A 537 -8.01 -0.82 -12.81
N LYS A 538 -8.75 -0.62 -11.71
CA LYS A 538 -8.29 0.20 -10.58
C LYS A 538 -7.14 -0.50 -9.85
N ILE A 539 -7.25 -1.83 -9.60
CA ILE A 539 -6.16 -2.62 -8.99
C ILE A 539 -4.91 -2.51 -9.91
N GLY A 540 -5.14 -2.71 -11.21
CA GLY A 540 -4.11 -2.63 -12.25
C GLY A 540 -3.40 -1.28 -12.24
N HIS A 541 -4.20 -0.20 -12.18
CA HIS A 541 -3.73 1.18 -12.09
C HIS A 541 -2.75 1.37 -10.92
N PHE A 542 -3.15 1.06 -9.70
CA PHE A 542 -2.31 1.21 -8.52
C PHE A 542 -1.17 0.18 -8.42
N LEU A 543 -1.35 -1.04 -8.94
CA LEU A 543 -0.24 -1.99 -8.91
C LEU A 543 0.87 -1.41 -9.76
N PHE A 544 0.52 -0.90 -10.97
CA PHE A 544 1.50 -0.30 -11.85
C PHE A 544 2.29 0.80 -11.14
N TRP A 545 1.57 1.79 -10.54
CA TRP A 545 2.23 2.94 -9.92
C TRP A 545 3.08 2.58 -8.71
N HIS A 546 2.66 1.61 -7.89
CA HIS A 546 3.48 1.16 -6.76
C HIS A 546 4.79 0.53 -7.27
N LEU A 547 4.73 -0.22 -8.37
CA LEU A 547 5.92 -0.83 -8.99
C LEU A 547 6.80 0.23 -9.67
N ARG A 548 6.17 1.11 -10.48
CA ARG A 548 6.86 2.16 -11.25
C ARG A 548 7.66 3.11 -10.38
N SER A 549 7.12 3.42 -9.19
CA SER A 549 7.73 4.39 -8.28
C SER A 549 9.03 3.90 -7.64
N GLU A 550 9.36 2.60 -7.81
CA GLU A 550 10.60 2.00 -7.27
C GLU A 550 11.57 1.51 -8.32
N MET A 551 11.37 1.88 -9.59
CA MET A 551 12.29 1.47 -10.68
C MET A 551 13.68 2.08 -10.56
N HIS A 552 13.83 3.15 -9.76
CA HIS A 552 15.13 3.79 -9.47
C HIS A 552 15.91 3.02 -8.36
N VAL A 553 15.24 2.11 -7.61
CA VAL A 553 15.86 1.29 -6.57
C VAL A 553 16.45 0.02 -7.27
N PRO A 554 17.81 -0.12 -7.32
CA PRO A 554 18.43 -1.26 -8.02
C PRO A 554 18.04 -2.66 -7.57
N SER A 555 17.75 -2.87 -6.28
CA SER A 555 17.37 -4.19 -5.74
C SER A 555 16.02 -4.71 -6.22
N VAL A 556 15.14 -3.81 -6.69
CA VAL A 556 13.80 -4.23 -7.13
C VAL A 556 13.52 -4.00 -8.63
N ALA A 557 14.36 -3.18 -9.30
CA ALA A 557 14.18 -2.77 -10.69
C ALA A 557 13.90 -3.94 -11.67
N LEU A 558 14.61 -5.07 -11.49
CA LEU A 558 14.40 -6.22 -12.34
C LEU A 558 13.05 -6.86 -12.08
N ARG A 559 12.81 -7.27 -10.83
CA ARG A 559 11.54 -7.88 -10.45
C ARG A 559 10.33 -6.97 -10.86
N PHE A 560 10.35 -5.72 -10.42
CA PHE A 560 9.27 -4.74 -10.70
C PHE A 560 9.09 -4.44 -12.17
N GLY A 561 10.19 -4.33 -12.91
CA GLY A 561 10.18 -4.09 -14.35
C GLY A 561 9.56 -5.24 -15.10
N LEU A 562 9.84 -6.47 -14.65
CA LEU A 562 9.30 -7.72 -15.25
C LEU A 562 7.79 -7.86 -15.02
N ILE A 563 7.30 -7.47 -13.81
CA ILE A 563 5.89 -7.52 -13.47
C ILE A 563 5.08 -6.52 -14.34
N MET A 564 5.62 -5.32 -14.54
CA MET A 564 5.01 -4.26 -15.36
C MET A 564 4.93 -4.63 -16.82
N GLU A 565 5.96 -5.30 -17.35
CA GLU A 565 6.02 -5.80 -18.73
C GLU A 565 4.89 -6.83 -18.94
N ALA A 566 4.76 -7.81 -18.03
CA ALA A 566 3.74 -8.85 -18.07
C ALA A 566 2.36 -8.18 -18.06
N TYR A 567 2.14 -7.23 -17.13
CA TYR A 567 0.88 -6.53 -17.04
C TYR A 567 0.52 -5.83 -18.38
N CYS A 568 1.51 -5.14 -19.00
CA CYS A 568 1.34 -4.45 -20.25
C CYS A 568 0.93 -5.40 -21.38
N ARG A 569 1.46 -6.65 -21.38
CA ARG A 569 1.08 -7.69 -22.34
C ARG A 569 -0.42 -8.01 -22.17
N GLY A 570 -0.90 -7.91 -20.92
CA GLY A 570 -2.29 -8.13 -20.54
C GLY A 570 -3.25 -7.01 -20.86
N SER A 571 -2.76 -5.77 -21.05
CA SER A 571 -3.61 -4.60 -21.37
C SER A 571 -2.88 -3.48 -22.09
N THR A 572 -2.78 -3.63 -23.39
CA THR A 572 -2.16 -2.70 -24.34
C THR A 572 -2.80 -1.32 -24.21
N HIS A 573 -4.12 -1.25 -24.07
CA HIS A 573 -4.86 -0.01 -23.94
C HIS A 573 -4.49 0.77 -22.65
N HIS A 574 -4.48 0.08 -21.51
CA HIS A 574 -4.09 0.64 -20.24
C HIS A 574 -2.63 1.13 -20.24
N MET A 575 -1.74 0.41 -20.93
CA MET A 575 -0.34 0.82 -21.11
C MET A 575 -0.29 2.23 -21.73
N LYS A 576 -1.08 2.44 -22.80
CA LYS A 576 -1.22 3.72 -23.51
C LYS A 576 -1.83 4.81 -22.59
N VAL A 577 -2.76 4.40 -21.69
CA VAL A 577 -3.39 5.26 -20.70
C VAL A 577 -2.36 5.69 -19.67
N LEU A 578 -1.53 4.76 -19.16
CA LEU A 578 -0.46 5.08 -18.20
C LEU A 578 0.68 5.85 -18.84
N MET A 579 0.89 5.69 -20.16
CA MET A 579 1.89 6.45 -20.90
C MET A 579 1.47 7.89 -20.96
N LYS A 580 0.17 8.13 -21.19
CA LYS A 580 -0.36 9.47 -21.15
C LYS A 580 -0.04 10.12 -19.76
N GLN A 581 -0.23 9.37 -18.63
CA GLN A 581 0.08 9.86 -17.29
C GLN A 581 1.59 10.13 -17.08
N GLY A 582 2.44 9.23 -17.55
CA GLY A 582 3.90 9.35 -17.51
C GLY A 582 4.44 10.58 -18.24
N GLU A 583 3.80 10.98 -19.36
CA GLU A 583 4.16 12.15 -20.17
C GLU A 583 3.82 13.41 -19.45
N ALA A 584 2.68 13.44 -18.67
CA ALA A 584 2.30 14.63 -17.91
C ALA A 584 3.30 14.83 -16.76
N LEU A 585 3.67 13.73 -16.10
CA LEU A 585 4.63 13.69 -14.99
C LEU A 585 6.03 14.12 -15.44
N SER A 586 6.40 13.78 -16.67
CA SER A 586 7.68 14.17 -17.29
C SER A 586 7.68 15.66 -17.47
N LYS A 587 6.57 16.23 -17.96
CA LYS A 587 6.44 17.68 -18.13
C LYS A 587 6.37 18.43 -16.78
N LEU A 588 5.75 17.82 -15.75
CA LEU A 588 5.66 18.43 -14.43
C LEU A 588 7.04 18.53 -13.79
N LYS A 589 7.89 17.49 -13.98
CA LYS A 589 9.28 17.50 -13.50
C LYS A 589 10.09 18.65 -14.13
N ALA A 590 10.02 18.78 -15.47
CA ALA A 590 10.72 19.83 -16.23
C ALA A 590 10.15 21.21 -15.84
N LEU A 591 8.85 21.27 -15.54
CA LEU A 591 8.23 22.51 -15.09
C LEU A 591 8.71 22.89 -13.68
N ASN A 592 8.82 21.92 -12.78
CA ASN A 592 9.25 22.16 -11.40
C ASN A 592 10.70 22.59 -11.31
N ASP A 593 11.58 21.97 -12.11
CA ASP A 593 13.02 22.33 -12.20
C ASP A 593 13.15 23.78 -12.62
N PHE A 594 12.30 24.19 -13.58
CA PHE A 594 12.28 25.57 -14.06
C PHE A 594 11.95 26.52 -12.92
N VAL A 595 10.94 26.17 -12.10
CA VAL A 595 10.46 26.99 -11.00
C VAL A 595 11.51 27.12 -9.89
N LYS A 596 12.16 26.02 -9.53
CA LYS A 596 13.21 25.96 -8.51
C LYS A 596 14.39 26.88 -8.87
N VAL A 597 14.72 26.98 -10.17
CA VAL A 597 15.79 27.83 -10.70
C VAL A 597 15.31 29.28 -10.72
N SER A 598 14.16 29.52 -11.40
CA SER A 598 13.58 30.84 -11.56
C SER A 598 13.25 31.56 -10.25
N SER A 599 12.88 30.83 -9.19
CA SER A 599 12.50 31.39 -7.90
C SER A 599 13.66 31.97 -7.09
N GLN A 600 14.89 31.50 -7.36
CA GLN A 600 16.08 31.99 -6.64
C GLN A 600 16.63 33.30 -7.24
N LYS A 601 16.20 33.62 -8.47
CA LYS A 601 16.68 34.78 -9.22
C LYS A 601 15.70 35.94 -9.22
N THR A 602 14.38 35.68 -9.17
CA THR A 602 13.38 36.75 -9.25
C THR A 602 12.26 36.59 -8.22
N THR A 603 11.27 37.52 -8.22
CA THR A 603 10.14 37.51 -7.30
C THR A 603 9.11 36.43 -7.70
N LYS A 604 8.25 36.01 -6.75
CA LYS A 604 7.23 35.00 -6.98
C LYS A 604 6.25 35.37 -8.12
N PRO A 605 5.72 36.64 -8.20
CA PRO A 605 4.80 36.97 -9.31
C PRO A 605 5.45 36.83 -10.68
N GLN A 606 6.78 37.05 -10.77
CA GLN A 606 7.55 36.92 -12.01
C GLN A 606 7.70 35.43 -12.38
N THR A 607 8.12 34.59 -11.42
CA THR A 607 8.26 33.12 -11.57
C THR A 607 6.89 32.47 -11.93
N LYS A 608 5.79 33.01 -11.38
CA LYS A 608 4.44 32.51 -11.63
C LYS A 608 4.04 32.80 -13.09
N GLU A 609 4.32 34.02 -13.59
CA GLU A 609 4.00 34.39 -14.97
C GLU A 609 4.82 33.56 -15.97
N MET A 610 6.06 33.20 -15.60
CA MET A 610 6.98 32.39 -16.39
C MET A 610 6.51 30.95 -16.49
N MET A 611 6.20 30.32 -15.32
CA MET A 611 5.63 28.98 -15.20
C MET A 611 4.40 28.90 -16.15
N HIS A 612 3.53 29.93 -16.12
CA HIS A 612 2.34 30.03 -16.95
C HIS A 612 2.66 30.08 -18.42
N MET A 613 3.71 30.82 -18.79
CA MET A 613 4.13 30.94 -20.19
C MET A 613 4.67 29.60 -20.64
N CYS A 614 5.48 28.94 -19.79
CA CYS A 614 5.97 27.61 -20.09
C CYS A 614 4.82 26.61 -20.29
N MET A 615 3.77 26.67 -19.44
CA MET A 615 2.61 25.78 -19.51
C MET A 615 1.76 26.00 -20.74
N ARG A 616 1.73 27.26 -21.22
CA ARG A 616 0.95 27.67 -22.38
C ARG A 616 1.55 27.16 -23.71
N GLN A 617 2.78 26.60 -23.67
CA GLN A 617 3.41 26.01 -24.86
C GLN A 617 2.60 24.76 -25.28
N GLU A 618 2.51 24.50 -26.62
CA GLU A 618 1.77 23.38 -27.24
C GLU A 618 2.01 22.04 -26.61
N THR A 619 3.30 21.69 -26.46
CA THR A 619 3.79 20.42 -25.90
C THR A 619 3.36 20.24 -24.43
N TYR A 620 3.26 21.34 -23.68
CA TYR A 620 2.83 21.30 -22.29
C TYR A 620 1.32 21.16 -22.22
N MET A 621 0.58 22.00 -22.97
CA MET A 621 -0.88 21.96 -23.01
C MET A 621 -1.35 20.59 -23.41
N GLU A 622 -0.70 19.99 -24.42
CA GLU A 622 -1.02 18.63 -24.88
C GLU A 622 -0.71 17.57 -23.85
N ALA A 623 0.52 17.57 -23.29
CA ALA A 623 0.89 16.54 -22.33
C ALA A 623 0.16 16.65 -20.99
N LEU A 624 -0.14 17.86 -20.54
CA LEU A 624 -0.78 18.07 -19.25
C LEU A 624 -2.28 17.91 -19.27
N SER A 625 -2.93 17.91 -20.44
CA SER A 625 -4.40 17.82 -20.52
C SER A 625 -4.94 16.47 -20.91
N HIS A 626 -6.22 16.20 -20.57
CA HIS A 626 -6.98 15.00 -20.96
C HIS A 626 -6.31 13.71 -20.53
N LEU A 627 -6.23 13.51 -19.22
CA LEU A 627 -5.65 12.27 -18.71
C LEU A 627 -6.46 11.78 -17.50
N GLN A 628 -6.27 10.54 -17.15
CA GLN A 628 -6.87 9.97 -15.95
C GLN A 628 -5.90 10.38 -14.90
N SER A 629 -6.39 10.71 -13.74
CA SER A 629 -5.50 11.12 -12.68
C SER A 629 -4.70 9.93 -12.14
N PRO A 630 -3.36 10.04 -11.91
CA PRO A 630 -2.64 8.91 -11.25
C PRO A 630 -3.11 8.66 -9.79
N LEU A 631 -3.60 9.70 -9.10
CA LEU A 631 -4.12 9.60 -7.73
C LEU A 631 -5.46 8.89 -7.66
N ASP A 632 -6.24 8.93 -8.77
CA ASP A 632 -7.58 8.34 -8.83
C ASP A 632 -7.98 8.16 -10.29
N PRO A 633 -7.93 6.93 -10.84
CA PRO A 633 -8.31 6.76 -12.26
C PRO A 633 -9.77 7.12 -12.63
N SER A 634 -10.66 7.25 -11.64
CA SER A 634 -12.05 7.69 -11.83
C SER A 634 -12.10 9.19 -12.18
N THR A 635 -11.07 9.93 -11.73
CA THR A 635 -10.94 11.36 -11.92
C THR A 635 -10.26 11.64 -13.26
N LEU A 636 -10.93 12.41 -14.09
CA LEU A 636 -10.45 12.86 -15.40
C LEU A 636 -9.90 14.28 -15.23
N LEU A 637 -8.63 14.48 -15.57
CA LEU A 637 -7.99 15.80 -15.46
C LEU A 637 -8.12 16.31 -16.85
N GLU A 638 -9.13 17.13 -17.10
CA GLU A 638 -9.43 17.53 -18.46
C GLU A 638 -8.67 18.77 -18.94
N GLU A 639 -9.21 19.96 -18.74
CA GLU A 639 -8.55 21.17 -19.22
C GLU A 639 -7.76 21.78 -18.11
N VAL A 640 -6.47 21.97 -18.34
CA VAL A 640 -5.59 22.58 -17.35
C VAL A 640 -5.91 24.07 -17.28
N CYS A 641 -6.16 24.57 -16.05
CA CYS A 641 -6.48 25.96 -15.75
C CYS A 641 -5.19 26.67 -15.40
N VAL A 642 -4.43 27.07 -16.42
CA VAL A 642 -3.10 27.70 -16.32
C VAL A 642 -3.09 28.86 -15.31
N GLU A 643 -4.07 29.80 -15.44
CA GLU A 643 -4.22 30.97 -14.60
C GLU A 643 -4.33 30.67 -13.10
N GLN A 644 -4.90 29.51 -12.76
CA GLN A 644 -5.05 29.05 -11.37
C GLN A 644 -3.83 28.24 -10.89
N CYS A 645 -2.85 27.97 -11.77
CA CYS A 645 -1.69 27.18 -11.34
C CYS A 645 -0.67 28.04 -10.66
N THR A 646 0.00 27.49 -9.66
CA THR A 646 1.00 28.25 -8.92
C THR A 646 1.96 27.27 -8.31
N PHE A 647 2.72 27.72 -7.33
CA PHE A 647 3.67 26.86 -6.65
C PHE A 647 3.81 27.33 -5.22
N MET A 648 4.32 26.46 -4.30
CA MET A 648 4.56 26.83 -2.91
C MET A 648 5.98 27.35 -2.67
N ASP A 649 6.10 28.27 -1.70
CA ASP A 649 7.32 28.95 -1.23
C ASP A 649 8.32 28.05 -0.55
N SER A 650 7.97 26.83 -0.17
CA SER A 650 8.90 25.89 0.45
C SER A 650 10.09 25.51 -0.49
N LYS A 651 11.17 24.96 0.11
CA LYS A 651 12.44 24.57 -0.52
C LYS A 651 12.30 23.90 -1.90
N MET A 652 11.44 22.91 -2.02
CA MET A 652 11.24 22.12 -3.23
C MET A 652 10.24 22.75 -4.22
N LYS A 653 9.68 23.93 -3.85
CA LYS A 653 8.73 24.68 -4.68
C LYS A 653 7.64 23.76 -5.33
N PRO A 654 6.82 23.01 -4.52
CA PRO A 654 5.83 22.11 -5.13
C PRO A 654 4.83 22.85 -6.00
N LEU A 655 4.45 22.24 -7.12
CA LEU A 655 3.50 22.85 -8.05
C LEU A 655 2.05 22.52 -7.66
N TRP A 656 1.18 23.48 -7.87
CA TRP A 656 -0.26 23.42 -7.60
C TRP A 656 -0.92 23.56 -8.99
N ILE A 657 -1.39 22.43 -9.57
CA ILE A 657 -1.97 22.37 -10.92
C ILE A 657 -3.45 22.18 -10.80
N MET A 658 -4.22 23.06 -11.45
CA MET A 658 -5.68 23.05 -11.41
C MET A 658 -6.26 22.63 -12.75
N TYR A 659 -7.38 21.90 -12.70
CA TYR A 659 -8.06 21.38 -13.86
C TYR A 659 -9.52 21.72 -13.76
N SER A 660 -10.23 21.63 -14.90
CA SER A 660 -11.67 21.84 -15.01
C SER A 660 -12.18 20.97 -16.13
N SER A 661 -13.47 20.63 -16.06
CA SER A 661 -14.18 19.79 -17.01
C SER A 661 -15.59 20.31 -17.19
N GLU A 662 -15.92 20.72 -18.41
CA GLU A 662 -17.24 21.19 -18.82
C GLU A 662 -18.27 20.07 -18.49
N GLU A 663 -17.98 18.82 -18.92
CA GLU A 663 -18.79 17.62 -18.71
C GLU A 663 -19.00 17.22 -17.26
N ALA A 664 -18.05 17.50 -16.38
CA ALA A 664 -18.22 17.12 -14.98
C ALA A 664 -18.78 18.23 -14.12
N GLY A 665 -18.87 19.46 -14.67
CA GLY A 665 -19.30 20.65 -13.94
C GLY A 665 -18.39 20.90 -12.74
N SER A 666 -18.98 21.33 -11.61
CA SER A 666 -18.28 21.61 -10.34
C SER A 666 -17.37 20.48 -9.85
N ALA A 667 -17.75 19.21 -10.09
CA ALA A 667 -16.96 18.04 -9.69
C ALA A 667 -15.70 17.87 -10.54
N GLY A 668 -15.64 18.52 -11.69
CA GLY A 668 -14.48 18.46 -12.57
C GLY A 668 -13.38 19.42 -12.17
N ASN A 669 -13.66 20.29 -11.17
CA ASN A 669 -12.75 21.30 -10.64
C ASN A 669 -11.91 20.63 -9.59
N VAL A 670 -10.79 20.16 -10.02
CA VAL A 670 -9.91 19.36 -9.19
C VAL A 670 -8.48 19.88 -9.33
N GLY A 671 -7.67 19.60 -8.32
CA GLY A 671 -6.28 20.00 -8.36
C GLY A 671 -5.36 18.88 -7.92
N ILE A 672 -4.12 18.91 -8.41
CA ILE A 672 -3.05 17.99 -8.06
C ILE A 672 -1.84 18.78 -7.60
N ILE A 673 -1.11 18.24 -6.62
CA ILE A 673 0.10 18.86 -6.09
C ILE A 673 1.27 18.04 -6.61
N PHE A 674 2.19 18.65 -7.33
CA PHE A 674 3.32 17.87 -7.80
C PHE A 674 4.53 18.22 -6.93
N LYS A 675 5.16 17.18 -6.37
CA LYS A 675 6.32 17.32 -5.50
C LYS A 675 7.51 16.54 -6.01
N ASN A 676 8.64 17.22 -6.13
CA ASN A 676 9.87 16.62 -6.59
C ASN A 676 10.96 17.07 -5.67
N GLY A 677 11.59 16.13 -4.98
CA GLY A 677 12.64 16.40 -4.01
C GLY A 677 12.29 15.85 -2.65
N ASP A 678 10.99 15.81 -2.35
CA ASP A 678 10.41 15.27 -1.11
C ASP A 678 10.04 13.80 -1.35
N ASP A 679 10.00 13.02 -0.27
CA ASP A 679 9.73 11.60 -0.33
C ASP A 679 8.34 11.45 0.28
N LEU A 680 7.36 10.93 -0.49
CA LEU A 680 5.96 10.86 -0.04
C LEU A 680 5.46 9.49 0.42
N ARG A 681 6.33 8.47 0.48
CA ARG A 681 6.02 7.10 0.91
C ARG A 681 5.40 7.00 2.32
N GLN A 682 5.97 7.71 3.32
CA GLN A 682 5.44 7.70 4.68
C GLN A 682 4.06 8.40 4.73
N ASP A 683 3.93 9.52 4.01
CA ASP A 683 2.64 10.22 3.89
C ASP A 683 1.60 9.26 3.31
N MET A 684 1.94 8.55 2.21
CA MET A 684 1.01 7.60 1.62
C MET A 684 0.57 6.52 2.60
N LEU A 685 1.51 5.90 3.34
CA LEU A 685 1.18 4.87 4.33
C LEU A 685 0.25 5.42 5.43
N THR A 686 0.57 6.61 5.97
CA THR A 686 -0.23 7.19 7.05
C THR A 686 -1.64 7.49 6.52
N LEU A 687 -1.73 8.10 5.33
CA LEU A 687 -3.06 8.37 4.75
C LEU A 687 -3.88 7.12 4.49
N GLN A 688 -3.23 6.00 4.10
CA GLN A 688 -3.93 4.72 3.87
C GLN A 688 -4.40 4.12 5.19
N MET A 689 -3.66 4.37 6.27
CA MET A 689 -3.99 3.92 7.63
C MET A 689 -5.14 4.71 8.18
N ILE A 690 -5.18 6.02 7.89
CA ILE A 690 -6.29 6.91 8.28
C ILE A 690 -7.55 6.46 7.54
N GLN A 691 -7.45 6.19 6.20
CA GLN A 691 -8.58 5.73 5.40
C GLN A 691 -9.12 4.39 5.94
N LEU A 692 -8.21 3.50 6.36
CA LEU A 692 -8.57 2.21 6.94
C LEU A 692 -9.38 2.45 8.22
N MET A 693 -8.94 3.36 9.08
CA MET A 693 -9.67 3.71 10.32
C MET A 693 -11.06 4.19 9.95
N ASP A 694 -11.14 5.06 8.95
CA ASP A 694 -12.42 5.61 8.50
C ASP A 694 -13.41 4.48 8.06
N VAL A 695 -12.93 3.50 7.29
CA VAL A 695 -13.70 2.32 6.86
C VAL A 695 -14.15 1.51 8.09
N LEU A 696 -13.21 1.23 9.03
CA LEU A 696 -13.45 0.48 10.25
C LEU A 696 -14.47 1.15 11.13
N TRP A 697 -14.42 2.47 11.23
CA TRP A 697 -15.39 3.20 12.02
C TRP A 697 -16.75 3.20 11.28
N LYS A 698 -16.77 3.47 9.97
CA LYS A 698 -18.05 3.46 9.22
C LYS A 698 -18.78 2.10 9.24
N GLN A 699 -18.03 0.99 9.37
CA GLN A 699 -18.57 -0.36 9.51
C GLN A 699 -19.33 -0.53 10.79
N GLU A 700 -19.03 0.29 11.85
CA GLU A 700 -19.74 0.30 13.14
C GLU A 700 -20.79 1.44 13.18
N GLY A 701 -21.02 2.07 12.03
CA GLY A 701 -21.99 3.17 11.93
C GLY A 701 -21.47 4.51 12.43
N LEU A 702 -20.13 4.63 12.60
CA LEU A 702 -19.50 5.85 13.07
C LEU A 702 -18.80 6.60 11.92
N ASP A 703 -19.42 7.72 11.44
CA ASP A 703 -18.83 8.57 10.41
C ASP A 703 -18.12 9.80 11.08
N LEU A 704 -16.78 9.77 11.19
CA LEU A 704 -16.02 10.86 11.79
C LEU A 704 -15.58 11.91 10.80
N ARG A 705 -16.18 11.90 9.59
CA ARG A 705 -15.98 12.92 8.54
C ARG A 705 -14.50 13.22 8.25
N MET A 706 -13.73 12.18 7.99
CA MET A 706 -12.30 12.25 7.72
C MET A 706 -12.02 12.75 6.30
N THR A 707 -10.74 13.13 6.04
CA THR A 707 -10.31 13.62 4.74
C THR A 707 -9.03 12.86 4.41
N PRO A 708 -9.14 11.54 4.09
CA PRO A 708 -7.94 10.81 3.68
C PRO A 708 -7.75 11.07 2.19
N TYR A 709 -7.14 12.19 1.88
CA TYR A 709 -6.90 12.63 0.49
C TYR A 709 -5.80 11.74 -0.16
N GLY A 710 -5.84 11.67 -1.48
CA GLY A 710 -4.89 10.90 -2.28
C GLY A 710 -3.47 11.40 -2.19
N CYS A 711 -2.54 10.46 -2.14
CA CYS A 711 -1.11 10.72 -2.09
C CYS A 711 -0.40 9.52 -2.69
N LEU A 712 0.37 9.78 -3.75
CA LEU A 712 1.00 8.72 -4.47
C LEU A 712 2.39 9.07 -4.99
N PRO A 713 3.45 8.41 -4.43
CA PRO A 713 4.78 8.49 -5.05
C PRO A 713 4.69 7.88 -6.45
N THR A 714 5.32 8.54 -7.42
CA THR A 714 5.30 8.12 -8.83
C THR A 714 6.69 7.84 -9.37
N GLY A 715 7.71 8.26 -8.66
CA GLY A 715 9.10 8.08 -9.10
C GLY A 715 10.06 8.38 -7.97
N ASP A 716 11.34 8.58 -8.32
CA ASP A 716 12.42 8.87 -7.37
C ASP A 716 12.18 10.24 -6.72
N ARG A 717 11.85 10.27 -5.41
CA ARG A 717 11.53 11.49 -4.66
C ARG A 717 10.54 12.32 -5.49
N THR A 718 9.55 11.66 -6.10
CA THR A 718 8.55 12.32 -6.94
C THR A 718 7.18 11.77 -6.64
N GLY A 719 6.16 12.64 -6.62
CA GLY A 719 4.80 12.19 -6.39
C GLY A 719 3.75 13.27 -6.47
N LEU A 720 2.50 12.85 -6.30
CA LEU A 720 1.36 13.72 -6.39
C LEU A 720 0.57 13.65 -5.14
N ILE A 721 -0.14 14.73 -4.85
CA ILE A 721 -1.06 14.81 -3.72
C ILE A 721 -2.33 15.41 -4.27
N GLU A 722 -3.47 14.91 -3.81
CA GLU A 722 -4.77 15.40 -4.22
C GLU A 722 -5.06 16.73 -3.47
N VAL A 723 -5.40 17.79 -4.20
CA VAL A 723 -5.76 19.08 -3.62
C VAL A 723 -7.17 18.92 -2.99
N VAL A 724 -7.33 19.35 -1.75
CA VAL A 724 -8.63 19.42 -1.10
C VAL A 724 -9.01 20.91 -1.25
N LEU A 725 -10.01 21.24 -2.09
CA LEU A 725 -10.39 22.64 -2.28
C LEU A 725 -11.24 23.11 -1.14
N HIS A 726 -11.48 24.44 -1.07
CA HIS A 726 -12.29 25.09 -0.05
C HIS A 726 -11.74 24.78 1.38
N SER A 727 -10.45 24.87 1.53
CA SER A 727 -9.80 24.57 2.81
C SER A 727 -8.65 25.49 3.08
N ASP A 728 -8.34 25.70 4.36
CA ASP A 728 -7.20 26.59 4.68
C ASP A 728 -6.49 26.09 5.91
N THR A 729 -5.21 26.44 6.09
CA THR A 729 -4.49 26.00 7.29
C THR A 729 -5.01 26.76 8.49
N ILE A 730 -4.90 26.18 9.72
CA ILE A 730 -5.22 26.84 10.97
C ILE A 730 -4.38 28.13 11.09
N ALA A 731 -3.07 28.07 10.73
CA ALA A 731 -2.19 29.25 10.76
C ALA A 731 -2.75 30.41 9.92
N ASN A 732 -3.24 30.14 8.68
CA ASN A 732 -3.78 31.24 7.85
C ASN A 732 -4.99 31.86 8.44
N ILE A 733 -5.95 31.04 8.89
CA ILE A 733 -7.15 31.51 9.54
C ILE A 733 -6.78 32.31 10.79
N GLN A 734 -5.83 31.81 11.60
CA GLN A 734 -5.41 32.46 12.84
C GLN A 734 -4.57 33.70 12.65
N LEU A 735 -4.02 33.95 11.43
CA LEU A 735 -3.25 35.18 11.15
C LEU A 735 -4.11 36.39 11.49
N ASN A 736 -5.44 36.18 11.55
CA ASN A 736 -6.43 37.17 11.94
C ASN A 736 -6.31 38.47 11.15
N LYS A 737 -6.26 38.31 9.80
CA LYS A 737 -6.12 39.41 8.85
C LYS A 737 -7.29 40.38 9.02
N SER A 738 -7.00 41.69 8.95
CA SER A 738 -8.05 42.69 9.06
C SER A 738 -8.83 42.75 7.72
N ASN A 739 -10.00 43.43 7.73
CA ASN A 739 -10.86 43.65 6.56
C ASN A 739 -11.28 42.30 5.92
N MET A 740 -11.63 41.33 6.79
CA MET A 740 -12.09 39.99 6.41
C MET A 740 -13.34 39.71 7.24
N ALA A 741 -14.23 38.82 6.77
CA ALA A 741 -15.45 38.48 7.49
C ALA A 741 -15.17 37.70 8.82
N ALA A 742 -13.93 37.22 9.02
CA ALA A 742 -13.51 36.47 10.22
C ALA A 742 -12.69 37.28 11.31
N THR A 743 -12.37 38.58 11.06
CA THR A 743 -11.57 39.41 11.99
C THR A 743 -12.07 39.34 13.46
N ALA A 744 -11.22 38.79 14.35
CA ALA A 744 -11.56 38.50 15.73
C ALA A 744 -11.10 39.51 16.78
N ALA A 745 -11.95 39.70 17.81
CA ALA A 745 -11.68 40.56 18.95
C ALA A 745 -10.64 39.88 19.85
N PHE A 746 -10.70 38.53 19.87
CA PHE A 746 -9.82 37.59 20.58
C PHE A 746 -9.37 36.57 19.58
N ASN A 747 -8.06 36.28 19.55
CA ASN A 747 -7.50 35.34 18.59
C ASN A 747 -8.20 33.99 18.64
N LYS A 748 -8.72 33.57 19.82
CA LYS A 748 -9.46 32.32 20.01
C LYS A 748 -10.77 32.30 19.24
N ASP A 749 -11.31 33.48 18.92
CA ASP A 749 -12.58 33.61 18.18
C ASP A 749 -12.38 33.35 16.69
N ALA A 750 -11.12 33.43 16.19
CA ALA A 750 -10.80 33.35 14.76
C ALA A 750 -11.40 32.14 14.02
N LEU A 751 -11.13 30.87 14.47
CA LEU A 751 -11.65 29.68 13.79
C LEU A 751 -13.17 29.69 13.70
N LEU A 752 -13.85 29.96 14.82
CA LEU A 752 -15.32 30.02 14.88
C LEU A 752 -15.86 31.13 13.98
N ASN A 753 -15.20 32.30 13.95
CA ASN A 753 -15.64 33.41 13.10
C ASN A 753 -15.52 33.03 11.66
N TRP A 754 -14.44 32.32 11.32
CA TRP A 754 -14.18 31.84 9.97
C TRP A 754 -15.25 30.82 9.57
N LEU A 755 -15.61 29.91 10.49
CA LEU A 755 -16.65 28.92 10.30
C LEU A 755 -18.02 29.59 10.10
N LYS A 756 -18.30 30.66 10.87
CA LYS A 756 -19.51 31.48 10.83
C LYS A 756 -19.69 32.18 9.46
N SER A 757 -18.62 32.80 8.92
CA SER A 757 -18.62 33.45 7.62
C SER A 757 -18.86 32.47 6.46
N LYS A 758 -18.42 31.22 6.60
CA LYS A 758 -18.55 30.18 5.59
C LYS A 758 -19.90 29.44 5.73
N ASN A 759 -20.50 29.46 6.93
CA ASN A 759 -21.73 28.72 7.20
C ASN A 759 -22.77 29.64 7.86
N PRO A 760 -23.40 30.57 7.08
CA PRO A 760 -24.37 31.48 7.70
C PRO A 760 -25.64 30.81 8.22
N GLY A 761 -26.20 31.38 9.29
CA GLY A 761 -27.43 30.94 9.94
C GLY A 761 -27.39 29.54 10.55
N GLU A 762 -28.34 28.69 10.13
CA GLU A 762 -28.50 27.31 10.62
C GLU A 762 -27.39 26.36 10.17
N ALA A 763 -26.60 26.77 9.16
CA ALA A 763 -25.50 25.95 8.65
C ALA A 763 -24.37 25.79 9.68
N LEU A 764 -24.21 26.77 10.60
CA LEU A 764 -23.17 26.78 11.63
C LEU A 764 -23.16 25.53 12.51
N ASP A 765 -24.33 25.13 13.00
CA ASP A 765 -24.46 23.94 13.87
C ASP A 765 -23.99 22.65 13.20
N ARG A 766 -24.26 22.50 11.90
CA ARG A 766 -23.81 21.38 11.09
C ARG A 766 -22.27 21.49 10.98
N ALA A 767 -21.72 22.73 10.81
CA ALA A 767 -20.27 22.92 10.67
C ALA A 767 -19.53 22.63 11.98
N ILE A 768 -20.07 23.06 13.13
CA ILE A 768 -19.47 22.74 14.44
C ILE A 768 -19.44 21.23 14.68
N GLU A 769 -20.52 20.54 14.26
CA GLU A 769 -20.64 19.09 14.40
C GLU A 769 -19.60 18.33 13.56
N GLU A 770 -19.41 18.74 12.29
CA GLU A 770 -18.39 18.19 11.37
C GLU A 770 -16.99 18.42 11.95
N PHE A 771 -16.74 19.59 12.55
CA PHE A 771 -15.46 19.94 13.20
C PHE A 771 -15.21 18.96 14.33
N THR A 772 -16.21 18.76 15.18
CA THR A 772 -16.17 17.92 16.39
C THR A 772 -15.88 16.47 16.07
N LEU A 773 -16.62 15.93 15.08
CA LEU A 773 -16.46 14.57 14.60
C LEU A 773 -15.07 14.36 14.03
N SER A 774 -14.62 15.22 13.11
CA SER A 774 -13.30 15.09 12.46
C SER A 774 -12.18 15.29 13.47
N CYS A 775 -12.37 16.23 14.36
CA CYS A 775 -11.45 16.46 15.44
C CYS A 775 -11.27 15.19 16.31
N ALA A 776 -12.37 14.49 16.70
CA ALA A 776 -12.25 13.26 17.46
C ALA A 776 -11.49 12.18 16.62
N GLY A 777 -11.81 12.07 15.33
CA GLY A 777 -11.13 11.14 14.44
C GLY A 777 -9.64 11.36 14.35
N TYR A 778 -9.21 12.61 14.13
CA TYR A 778 -7.79 12.98 14.02
C TYR A 778 -7.06 12.96 15.36
N CYS A 779 -7.74 13.24 16.48
CA CYS A 779 -7.09 13.12 17.79
C CYS A 779 -6.71 11.63 18.05
N VAL A 780 -7.62 10.71 17.68
CA VAL A 780 -7.42 9.26 17.84
C VAL A 780 -6.40 8.78 16.82
N ALA A 781 -6.56 9.14 15.54
CA ALA A 781 -5.62 8.75 14.48
C ALA A 781 -4.20 9.19 14.78
N THR A 782 -3.98 10.44 15.18
CA THR A 782 -2.61 10.95 15.45
C THR A 782 -1.99 10.34 16.69
N TYR A 783 -2.80 10.03 17.68
CA TYR A 783 -2.35 9.37 18.90
C TYR A 783 -1.96 7.90 18.61
N VAL A 784 -2.86 7.13 18.00
CA VAL A 784 -2.61 5.72 17.69
C VAL A 784 -1.34 5.61 16.79
N LEU A 785 -1.23 6.50 15.78
CA LEU A 785 -0.10 6.43 14.87
C LEU A 785 1.12 7.16 15.32
N GLY A 786 1.02 7.94 16.40
CA GLY A 786 2.13 8.72 16.96
C GLY A 786 2.60 9.82 16.03
N ILE A 787 1.63 10.53 15.40
CA ILE A 787 1.96 11.64 14.51
C ILE A 787 2.37 12.79 15.38
N GLY A 788 3.58 13.25 15.17
CA GLY A 788 4.16 14.35 15.92
C GLY A 788 4.47 15.50 15.00
N ASP A 789 5.04 16.60 15.56
CA ASP A 789 5.39 17.82 14.84
C ASP A 789 4.08 18.47 14.34
N ARG A 790 3.05 18.47 15.20
CA ARG A 790 1.75 19.05 14.87
C ARG A 790 1.71 20.52 15.21
N HIS A 791 1.59 21.35 14.17
CA HIS A 791 1.48 22.79 14.35
C HIS A 791 0.40 23.35 13.45
N SER A 792 0.01 24.60 13.69
CA SER A 792 -1.04 25.34 12.99
C SER A 792 -0.93 25.30 11.45
N ASP A 793 0.27 25.06 10.91
CA ASP A 793 0.43 25.05 9.46
C ASP A 793 0.31 23.63 8.85
N ASN A 794 0.19 22.57 9.69
CA ASN A 794 -0.02 21.23 9.15
C ASN A 794 -1.37 20.64 9.62
N ILE A 795 -2.28 21.55 10.04
CA ILE A 795 -3.67 21.26 10.40
C ILE A 795 -4.52 22.18 9.54
N MET A 796 -5.44 21.59 8.78
CA MET A 796 -6.34 22.27 7.85
C MET A 796 -7.79 22.17 8.28
N ILE A 797 -8.60 23.07 7.77
CA ILE A 797 -10.02 23.06 7.98
C ILE A 797 -10.69 23.41 6.66
N ARG A 798 -11.68 22.59 6.33
CA ARG A 798 -12.56 22.70 5.18
C ARG A 798 -13.70 23.64 5.53
N GLU A 799 -14.29 24.31 4.52
CA GLU A 799 -15.41 25.27 4.74
C GLU A 799 -16.64 24.61 5.36
N SER A 800 -16.75 23.30 5.16
CA SER A 800 -17.78 22.46 5.74
C SER A 800 -17.62 22.30 7.28
N GLY A 801 -16.43 22.67 7.80
CA GLY A 801 -16.13 22.54 9.22
C GLY A 801 -15.20 21.39 9.56
N GLN A 802 -14.93 20.52 8.59
CA GLN A 802 -14.05 19.38 8.72
C GLN A 802 -12.61 19.74 8.91
N LEU A 803 -12.03 19.25 9.99
CA LEU A 803 -10.61 19.43 10.28
C LEU A 803 -9.87 18.21 9.72
N PHE A 804 -8.66 18.41 9.19
CA PHE A 804 -7.84 17.29 8.75
C PHE A 804 -6.35 17.64 8.89
N HIS A 805 -5.52 16.61 9.03
CA HIS A 805 -4.07 16.76 9.16
C HIS A 805 -3.35 16.55 7.82
N ILE A 806 -2.19 17.15 7.66
CA ILE A 806 -1.34 17.00 6.46
C ILE A 806 0.12 16.82 6.93
N ASP A 807 1.03 16.43 6.00
CA ASP A 807 2.48 16.31 6.21
C ASP A 807 2.87 15.29 7.29
N PHE A 808 2.93 14.01 6.91
CA PHE A 808 3.20 12.93 7.86
C PHE A 808 4.63 12.33 7.80
N GLY A 809 5.62 13.21 7.80
CA GLY A 809 7.04 12.82 7.77
C GLY A 809 7.53 12.12 9.04
N HIS A 810 6.88 12.39 10.18
CA HIS A 810 7.21 11.79 11.46
C HIS A 810 6.01 11.06 12.08
N PHE A 811 6.16 9.76 12.31
CA PHE A 811 5.13 8.91 12.92
C PHE A 811 5.75 7.91 13.90
N LEU A 812 4.92 7.10 14.58
CA LEU A 812 5.35 6.11 15.56
C LEU A 812 6.31 6.72 16.60
N GLY A 813 5.99 7.96 17.01
CA GLY A 813 6.74 8.74 17.99
C GLY A 813 8.16 9.08 17.61
N ASN A 814 8.36 9.65 16.41
CA ASN A 814 9.64 10.09 15.87
C ASN A 814 9.55 11.53 15.39
N ARG A 823 13.53 9.15 19.06
CA ARG A 823 12.39 8.29 19.36
C ARG A 823 11.80 8.60 20.74
N GLU A 824 10.56 9.12 20.77
CA GLU A 824 9.86 9.48 22.00
C GLU A 824 8.34 9.29 21.89
N ARG A 825 7.72 8.66 22.91
CA ARG A 825 6.29 8.41 22.99
C ARG A 825 5.47 9.72 22.92
N VAL A 826 4.74 9.90 21.79
CA VAL A 826 3.88 11.07 21.54
C VAL A 826 2.65 11.00 22.48
N PRO A 827 2.44 12.03 23.35
CA PRO A 827 1.27 12.00 24.22
C PRO A 827 -0.02 12.40 23.46
N PHE A 828 -1.20 12.08 24.04
CA PHE A 828 -2.46 12.48 23.42
C PHE A 828 -2.51 14.02 23.46
N ILE A 829 -2.83 14.67 22.31
CA ILE A 829 -2.88 16.12 22.15
C ILE A 829 -4.33 16.67 22.09
N LEU A 830 -4.57 17.80 22.81
CA LEU A 830 -5.82 18.56 22.85
C LEU A 830 -5.46 20.06 22.90
N THR A 831 -5.95 20.86 21.91
CA THR A 831 -5.70 22.30 21.79
C THR A 831 -6.93 23.11 22.20
N TYR A 832 -6.72 24.24 22.90
CA TYR A 832 -7.80 25.11 23.37
C TYR A 832 -8.57 25.82 22.25
N ASP A 833 -7.92 26.06 21.09
CA ASP A 833 -8.55 26.68 19.91
C ASP A 833 -9.65 25.76 19.37
N PHE A 834 -9.38 24.46 19.39
CA PHE A 834 -10.30 23.45 18.90
C PHE A 834 -11.42 23.21 19.92
N VAL A 835 -11.06 23.27 21.24
CA VAL A 835 -11.96 23.12 22.39
C VAL A 835 -12.98 24.23 22.36
N HIS A 836 -12.53 25.45 22.01
CA HIS A 836 -13.39 26.61 21.90
C HIS A 836 -14.52 26.45 20.87
N VAL A 837 -14.22 25.89 19.68
CA VAL A 837 -15.18 25.61 18.59
C VAL A 837 -16.14 24.45 18.99
N ILE A 838 -15.60 23.39 19.60
CA ILE A 838 -16.39 22.25 20.04
C ILE A 838 -17.45 22.74 21.02
N GLN A 839 -17.04 23.64 21.92
CA GLN A 839 -17.91 24.21 22.94
C GLN A 839 -18.83 25.32 22.43
N GLN A 840 -18.94 25.49 21.08
CA GLN A 840 -19.78 26.48 20.38
C GLN A 840 -19.41 27.93 20.79
N GLY A 841 -18.15 28.11 21.18
CA GLY A 841 -17.65 29.41 21.58
C GLY A 841 -18.07 29.83 22.96
N LYS A 842 -18.06 28.88 23.91
CA LYS A 842 -18.45 29.11 25.31
C LYS A 842 -17.32 28.61 26.21
N THR A 843 -17.08 29.30 27.35
CA THR A 843 -16.06 28.92 28.34
C THR A 843 -16.40 27.54 28.95
N ASN A 844 -17.67 27.37 29.37
CA ASN A 844 -18.14 26.14 29.99
C ASN A 844 -19.28 25.52 29.18
N ASN A 845 -18.99 24.40 28.54
CA ASN A 845 -19.98 23.65 27.76
C ASN A 845 -19.60 22.18 27.83
N SER A 846 -19.74 21.61 29.03
CA SER A 846 -19.41 20.22 29.34
C SER A 846 -20.22 19.23 28.51
N GLU A 847 -21.49 19.56 28.17
CA GLU A 847 -22.34 18.71 27.34
C GLU A 847 -21.66 18.47 26.02
N LYS A 848 -21.21 19.56 25.34
CA LYS A 848 -20.54 19.45 24.04
C LYS A 848 -19.17 18.83 24.14
N PHE A 849 -18.36 19.21 25.14
CA PHE A 849 -17.01 18.65 25.28
C PHE A 849 -17.02 17.13 25.58
N GLU A 850 -17.89 16.69 26.47
CA GLU A 850 -17.95 15.29 26.85
C GLU A 850 -18.56 14.42 25.76
N ARG A 851 -19.39 15.03 24.89
CA ARG A 851 -19.91 14.33 23.71
C ARG A 851 -18.71 14.11 22.76
N PHE A 852 -17.75 15.05 22.78
CA PHE A 852 -16.53 14.94 21.98
C PHE A 852 -15.65 13.82 22.54
N ARG A 853 -15.52 13.74 23.87
CA ARG A 853 -14.74 12.71 24.53
C ARG A 853 -15.37 11.30 24.26
N GLY A 854 -16.70 11.24 24.16
CA GLY A 854 -17.43 10.03 23.81
C GLY A 854 -17.06 9.53 22.42
N TYR A 855 -16.95 10.44 21.45
CA TYR A 855 -16.53 10.09 20.08
C TYR A 855 -15.11 9.55 20.03
N CYS A 856 -14.15 10.18 20.77
CA CYS A 856 -12.75 9.74 20.85
C CYS A 856 -12.67 8.33 21.47
N GLU A 857 -13.39 8.10 22.60
CA GLU A 857 -13.44 6.77 23.23
C GLU A 857 -13.99 5.68 22.31
N ARG A 858 -15.14 5.94 21.69
CA ARG A 858 -15.78 5.05 20.74
C ARG A 858 -14.84 4.75 19.55
N ALA A 859 -14.19 5.80 18.97
CA ALA A 859 -13.28 5.62 17.83
C ALA A 859 -12.09 4.79 18.22
N TYR A 860 -11.52 5.05 19.42
CA TYR A 860 -10.36 4.30 19.94
C TYR A 860 -10.66 2.81 20.22
N THR A 861 -11.83 2.50 20.78
CA THR A 861 -12.18 1.12 21.13
C THR A 861 -12.52 0.32 19.88
N ILE A 862 -12.99 0.98 18.80
CA ILE A 862 -13.22 0.27 17.53
C ILE A 862 -11.85 -0.14 16.93
N LEU A 863 -10.86 0.78 16.92
CA LEU A 863 -9.51 0.52 16.38
C LEU A 863 -8.81 -0.63 17.09
N ARG A 864 -8.90 -0.66 18.43
CA ARG A 864 -8.32 -1.69 19.31
C ARG A 864 -8.76 -3.08 18.93
N ARG A 865 -10.06 -3.23 18.60
CA ARG A 865 -10.71 -4.48 18.19
C ARG A 865 -10.16 -5.01 16.87
N HIS A 866 -9.53 -4.13 16.04
CA HIS A 866 -8.86 -4.45 14.78
C HIS A 866 -7.38 -4.26 14.95
N GLY A 867 -6.92 -4.29 16.22
CA GLY A 867 -5.53 -4.10 16.60
C GLY A 867 -4.54 -4.96 15.83
N LEU A 868 -4.87 -6.25 15.67
CA LEU A 868 -4.04 -7.22 14.96
C LEU A 868 -3.90 -6.93 13.47
N LEU A 869 -4.95 -6.34 12.83
CA LEU A 869 -4.94 -5.97 11.43
C LEU A 869 -3.90 -4.84 11.21
N PHE A 870 -3.88 -3.85 12.12
CA PHE A 870 -2.90 -2.78 12.08
C PHE A 870 -1.52 -3.32 12.28
N LEU A 871 -1.32 -4.19 13.28
CA LEU A 871 -0.02 -4.86 13.54
C LEU A 871 0.50 -5.67 12.35
N HIS A 872 -0.35 -6.55 11.76
CA HIS A 872 0.04 -7.35 10.60
C HIS A 872 0.40 -6.48 9.38
N LEU A 873 -0.38 -5.40 9.14
CA LEU A 873 -0.12 -4.49 8.02
C LEU A 873 1.15 -3.72 8.22
N PHE A 874 1.39 -3.18 9.43
CA PHE A 874 2.64 -2.47 9.69
C PHE A 874 3.83 -3.44 9.67
N ALA A 875 3.66 -4.71 10.12
CA ALA A 875 4.77 -5.69 10.09
C ALA A 875 5.16 -5.93 8.61
N LEU A 876 4.17 -5.96 7.70
CA LEU A 876 4.41 -6.13 6.28
C LEU A 876 5.14 -4.95 5.64
N MET A 877 4.92 -3.73 6.16
CA MET A 877 5.51 -2.50 5.68
C MET A 877 6.99 -2.35 6.06
N ARG A 878 7.51 -3.18 6.99
CA ARG A 878 8.94 -3.14 7.37
C ARG A 878 9.81 -3.35 6.12
N ALA A 879 9.30 -4.13 5.12
CA ALA A 879 9.93 -4.40 3.80
C ALA A 879 10.07 -3.14 2.93
N ALA A 880 9.27 -2.07 3.21
CA ALA A 880 9.32 -0.83 2.43
C ALA A 880 10.64 -0.09 2.58
N GLY A 881 11.34 -0.35 3.69
CA GLY A 881 12.59 0.34 4.00
C GLY A 881 12.32 1.80 4.28
N LEU A 882 11.37 2.10 5.22
CA LEU A 882 11.07 3.46 5.66
C LEU A 882 11.93 3.75 6.90
N PRO A 883 12.68 4.87 6.95
CA PRO A 883 13.57 5.12 8.11
C PRO A 883 12.90 5.02 9.49
N GLU A 884 11.58 5.30 9.57
CA GLU A 884 10.83 5.25 10.83
C GLU A 884 10.10 3.90 11.05
N LEU A 885 10.26 2.96 10.11
CA LEU A 885 9.63 1.64 10.23
C LEU A 885 10.66 0.55 9.84
N SER A 886 11.75 0.48 10.61
CA SER A 886 12.90 -0.41 10.41
C SER A 886 12.92 -1.66 11.29
N CYS A 887 12.47 -1.57 12.55
CA CYS A 887 12.56 -2.66 13.52
C CYS A 887 11.26 -2.93 14.32
N SER A 888 11.37 -3.82 15.34
CA SER A 888 10.30 -4.23 16.24
C SER A 888 9.95 -3.10 17.20
N LYS A 889 10.96 -2.26 17.55
CA LYS A 889 10.84 -1.09 18.42
C LYS A 889 9.78 -0.13 17.90
N ASP A 890 9.83 0.18 16.58
CA ASP A 890 8.87 1.07 15.89
C ASP A 890 7.43 0.55 15.95
N ILE A 891 7.24 -0.79 15.94
CA ILE A 891 5.91 -1.40 16.00
C ILE A 891 5.45 -1.60 17.49
N GLN A 892 6.38 -1.47 18.47
CA GLN A 892 6.04 -1.56 19.90
C GLN A 892 5.17 -0.35 20.24
N TYR A 893 5.44 0.72 19.54
CA TYR A 893 4.72 1.96 19.65
C TYR A 893 3.20 1.78 19.39
N LEU A 894 2.85 1.09 18.29
CA LEU A 894 1.47 0.78 17.92
C LEU A 894 0.90 -0.26 18.89
N LYS A 895 1.76 -1.12 19.45
CA LYS A 895 1.36 -2.12 20.44
C LYS A 895 0.99 -1.43 21.74
N ASP A 896 1.67 -0.32 22.09
CA ASP A 896 1.40 0.47 23.31
C ASP A 896 0.21 1.37 23.11
N SER A 897 0.17 2.13 21.98
CA SER A 897 -0.92 3.08 21.66
C SER A 897 -2.26 2.39 21.60
N LEU A 898 -2.30 1.14 21.09
CA LEU A 898 -3.55 0.38 21.06
C LEU A 898 -3.75 -0.44 22.35
N ALA A 899 -2.76 -0.45 23.28
CA ALA A 899 -2.79 -1.19 24.55
C ALA A 899 -3.31 -2.63 24.35
N LEU A 900 -2.67 -3.34 23.41
CA LEU A 900 -3.08 -4.68 22.99
C LEU A 900 -2.84 -5.82 24.02
N GLY A 901 -1.96 -5.60 24.99
CA GLY A 901 -1.74 -6.59 26.04
C GLY A 901 -2.65 -6.44 27.24
N LYS A 902 -3.87 -5.86 27.03
CA LYS A 902 -4.84 -5.56 28.10
C LYS A 902 -6.31 -5.78 27.70
N THR A 903 -7.19 -5.88 28.70
CA THR A 903 -8.65 -6.02 28.52
C THR A 903 -9.20 -4.66 28.07
N GLU A 904 -10.41 -4.65 27.44
CA GLU A 904 -11.06 -3.41 26.96
C GLU A 904 -11.23 -2.40 28.08
N GLU A 905 -11.51 -2.86 29.31
CA GLU A 905 -11.67 -1.99 30.47
C GLU A 905 -10.35 -1.36 30.91
N GLU A 906 -9.25 -2.15 30.95
CA GLU A 906 -7.90 -1.67 31.32
C GLU A 906 -7.38 -0.68 30.26
N ALA A 907 -7.66 -0.95 28.97
CA ALA A 907 -7.22 -0.10 27.87
C ALA A 907 -7.97 1.22 27.84
N LEU A 908 -9.30 1.18 28.06
CA LEU A 908 -10.15 2.37 28.08
C LEU A 908 -9.79 3.29 29.25
N LYS A 909 -9.40 2.71 30.40
CA LYS A 909 -8.98 3.43 31.59
C LYS A 909 -7.66 4.13 31.26
N HIS A 910 -6.75 3.44 30.55
CA HIS A 910 -5.47 3.98 30.12
C HIS A 910 -5.68 5.13 29.13
N PHE A 911 -6.64 4.97 28.18
CA PHE A 911 -6.95 6.01 27.21
C PHE A 911 -7.48 7.26 27.92
N ARG A 912 -8.41 7.07 28.89
CA ARG A 912 -9.00 8.14 29.70
C ARG A 912 -7.93 8.96 30.44
N VAL A 913 -6.95 8.27 31.07
CA VAL A 913 -5.79 8.86 31.77
C VAL A 913 -4.97 9.68 30.75
N LYS A 914 -4.77 9.14 29.54
CA LYS A 914 -4.01 9.80 28.47
C LYS A 914 -4.74 11.03 27.91
N PHE A 915 -6.09 10.96 27.82
CA PHE A 915 -6.95 12.04 27.34
C PHE A 915 -7.02 13.14 28.41
N ASN A 916 -7.17 12.76 29.70
CA ASN A 916 -7.25 13.66 30.85
C ASN A 916 -5.94 14.43 31.00
N GLU A 917 -4.78 13.72 30.84
CA GLU A 917 -3.44 14.31 30.91
C GLU A 917 -3.19 15.32 29.78
N ALA A 918 -3.96 15.18 28.68
CA ALA A 918 -3.95 16.04 27.50
C ALA A 918 -4.92 17.21 27.68
N LEU A 919 -5.84 17.09 28.66
CA LEU A 919 -6.82 18.13 28.96
C LEU A 919 -6.18 19.17 29.91
N ARG A 920 -5.30 18.70 30.83
CA ARG A 920 -4.54 19.52 31.78
C ARG A 920 -3.50 20.33 31.03
N GLU A 921 -2.81 19.70 30.06
CA GLU A 921 -1.82 20.34 29.18
C GLU A 921 -2.51 21.45 28.34
N SER A 922 -3.76 21.20 27.90
CA SER A 922 -4.63 22.14 27.16
C SER A 922 -5.00 23.37 28.01
N TRP A 923 -5.33 23.13 29.31
CA TRP A 923 -5.75 24.15 30.28
C TRP A 923 -4.64 25.15 30.64
N LYS A 924 -3.37 24.84 30.30
CA LYS A 924 -2.23 25.74 30.52
C LYS A 924 -2.25 26.90 29.52
N THR A 925 -3.10 26.79 28.47
CA THR A 925 -3.34 27.81 27.43
C THR A 925 -4.62 28.58 27.78
N LYS A 926 -5.66 27.86 28.30
CA LYS A 926 -6.95 28.41 28.71
C LYS A 926 -6.82 29.41 29.89
N VAL A 927 -6.04 29.03 30.94
CA VAL A 927 -5.76 29.81 32.17
C VAL A 927 -5.31 31.25 31.86
N ASN A 928 -4.55 31.42 30.75
CA ASN A 928 -4.08 32.72 30.29
C ASN A 928 -5.16 33.45 29.49
#